data_6G3K
#
_entry.id   6G3K
#
_cell.length_a   119.980
_cell.length_b   171.090
_cell.length_c   50.580
_cell.angle_alpha   90.00
_cell.angle_beta   90.00
_cell.angle_gamma   90.00
#
_symmetry.space_group_name_H-M   'P 21 21 2'
#
loop_
_entity.id
_entity.type
_entity.pdbx_description
1 polymer 'HLA class I histocompatibility antigen, A-2 alpha chain'
2 polymer Beta-2-microglobulin
3 polymer ILE-THR-SER-GLY-ILE-GLY-VAL-LEU-PRO-VAL
4 water water
#
loop_
_entity_poly.entity_id
_entity_poly.type
_entity_poly.pdbx_seq_one_letter_code
_entity_poly.pdbx_strand_id
1 'polypeptide(L)'
;GSHSMRYFFTSVSRPGRGEPRFIAVGYVDDTQFVRFDSDAASQRMEPRAPWIEQEGPEYWDGETRKVKAHSQTHRVDLGT
LRGYYNQSEAGSHTVQRMYGCDVGSDWRFLRGYHQYAYDGKDYIALKEDLRSWTAADMAAQTTKHKWEAAHVAEQLRAYL
EGTCVEWLRRYLENGKETLQRTDAPKTHMTHHAVSDHEATLRCWALSFYPAEITLTWQRDGEDQTQDTELVETRPAGDGT
FQKWAAVVVPSGQEQRYTCHVQHEGLPKPLTLRWEP
;
A,D
2 'polypeptide(L)'
;MIQRTPKIQVYSRHPAENGKSNFLNCYVSGFHPSDIEVDLLKNGERIEKVEHSDLSFSKDWSFYLLYYTEFTPTEKDEYA
CRVNHVTLSQPKIVKWDRDM
;
B,E
3 'polypeptide(L)' ITSGIGVLPV C,F
#
# COMPACT_ATOMS: atom_id res chain seq x y z
N GLY A 1 -21.04 -25.20 -20.10
CA GLY A 1 -19.60 -25.07 -20.44
C GLY A 1 -18.70 -25.62 -19.36
N SER A 2 -17.57 -24.97 -19.16
CA SER A 2 -16.76 -25.21 -17.97
C SER A 2 -17.49 -24.60 -16.75
N HIS A 3 -17.29 -25.20 -15.58
CA HIS A 3 -17.92 -24.72 -14.35
C HIS A 3 -16.86 -24.58 -13.25
N SER A 4 -17.28 -24.11 -12.08
CA SER A 4 -16.38 -24.11 -10.93
C SER A 4 -17.08 -23.95 -9.59
N MET A 5 -16.25 -24.14 -8.56
CA MET A 5 -16.59 -23.92 -7.19
C MET A 5 -15.50 -23.11 -6.55
N ARG A 6 -15.91 -22.19 -5.67
CA ARG A 6 -14.99 -21.41 -4.86
C ARG A 6 -15.53 -21.25 -3.47
N TYR A 7 -14.63 -21.21 -2.53
CA TYR A 7 -14.95 -20.87 -1.15
C TYR A 7 -14.17 -19.65 -0.80
N PHE A 8 -14.86 -18.73 -0.16
CA PHE A 8 -14.24 -17.51 0.30
C PHE A 8 -14.36 -17.41 1.85
N PHE A 9 -13.21 -17.18 2.52
CA PHE A 9 -13.09 -17.12 3.99
C PHE A 9 -12.45 -15.83 4.40
N THR A 10 -13.06 -15.05 5.27
CA THR A 10 -12.47 -13.78 5.68
C THR A 10 -12.46 -13.68 7.18
N SER A 11 -11.37 -13.24 7.75
CA SER A 11 -11.36 -13.07 9.17
C SER A 11 -10.93 -11.69 9.46
N VAL A 12 -11.54 -11.02 10.41
CA VAL A 12 -11.13 -9.67 10.74
C VAL A 12 -10.97 -9.47 12.25
N SER A 13 -9.77 -9.08 12.66
CA SER A 13 -9.49 -8.83 14.09
C SER A 13 -10.18 -7.56 14.60
N ARG A 14 -10.56 -7.60 15.89
CA ARG A 14 -11.24 -6.51 16.57
C ARG A 14 -10.51 -6.21 17.88
N PRO A 15 -9.43 -5.42 17.79
CA PRO A 15 -8.44 -5.27 18.86
C PRO A 15 -9.04 -4.81 20.19
N GLY A 16 -9.76 -3.70 20.18
CA GLY A 16 -10.35 -3.15 21.40
C GLY A 16 -11.56 -3.88 22.02
N ARG A 17 -12.07 -4.93 21.35
CA ARG A 17 -12.80 -5.97 22.01
C ARG A 17 -13.49 -7.05 21.15
N GLY A 18 -13.24 -8.27 21.54
CA GLY A 18 -13.86 -9.43 21.00
C GLY A 18 -12.90 -10.34 20.29
N GLU A 19 -13.41 -11.52 19.98
CA GLU A 19 -12.73 -12.43 19.10
C GLU A 19 -13.04 -11.98 17.66
N PRO A 20 -12.40 -12.57 16.66
CA PRO A 20 -12.49 -11.99 15.35
C PRO A 20 -13.65 -12.45 14.51
N ARG A 21 -14.04 -11.55 13.59
CA ARG A 21 -15.18 -11.70 12.68
C ARG A 21 -14.79 -12.73 11.71
N PHE A 22 -15.67 -13.67 11.42
CA PHE A 22 -15.32 -14.70 10.49
C PHE A 22 -16.48 -15.02 9.55
N ILE A 23 -16.28 -14.87 8.27
CA ILE A 23 -17.31 -15.14 7.33
C ILE A 23 -16.81 -16.11 6.29
N ALA A 24 -17.65 -17.07 5.94
CA ALA A 24 -17.39 -17.99 4.83
C ALA A 24 -18.55 -18.07 3.87
N VAL A 25 -18.28 -18.50 2.65
CA VAL A 25 -19.25 -18.49 1.60
C VAL A 25 -18.73 -19.34 0.47
N GLY A 26 -19.64 -19.91 -0.30
CA GLY A 26 -19.26 -20.84 -1.36
C GLY A 26 -20.07 -20.50 -2.56
N TYR A 27 -19.50 -20.65 -3.74
CA TYR A 27 -20.17 -20.34 -4.99
C TYR A 27 -19.94 -21.48 -5.89
N VAL A 28 -21.02 -21.95 -6.51
CA VAL A 28 -20.92 -22.75 -7.74
C VAL A 28 -21.19 -21.83 -8.92
N ASP A 29 -20.16 -21.60 -9.73
CA ASP A 29 -20.15 -20.47 -10.68
C ASP A 29 -20.57 -19.17 -10.06
N ASP A 30 -21.72 -18.57 -10.33
CA ASP A 30 -22.02 -17.22 -9.77
C ASP A 30 -23.20 -17.23 -8.87
N THR A 31 -23.51 -18.42 -8.39
CA THR A 31 -24.66 -18.67 -7.57
C THR A 31 -24.07 -18.97 -6.20
N GLN A 32 -24.43 -18.20 -5.18
CA GLN A 32 -24.03 -18.59 -3.83
C GLN A 32 -24.87 -19.78 -3.39
N PHE A 33 -24.28 -20.64 -2.55
CA PHE A 33 -25.05 -21.76 -1.98
C PHE A 33 -24.90 -22.09 -0.51
N VAL A 34 -23.81 -21.68 0.14
CA VAL A 34 -23.67 -21.88 1.58
C VAL A 34 -23.04 -20.68 2.21
N ARG A 35 -23.24 -20.56 3.52
CA ARG A 35 -22.60 -19.52 4.29
C ARG A 35 -22.58 -19.71 5.76
N PHE A 36 -21.45 -19.34 6.32
CA PHE A 36 -21.23 -19.30 7.73
C PHE A 36 -20.91 -17.91 8.12
N ASP A 37 -21.48 -17.45 9.22
CA ASP A 37 -21.14 -16.18 9.76
C ASP A 37 -21.01 -16.28 11.27
N SER A 38 -19.80 -16.01 11.78
CA SER A 38 -19.48 -15.98 13.24
C SER A 38 -20.42 -15.10 14.02
N ASP A 39 -20.48 -13.84 13.67
CA ASP A 39 -21.42 -12.89 14.29
C ASP A 39 -22.88 -13.29 14.38
N ALA A 40 -23.47 -13.91 13.35
CA ALA A 40 -24.93 -14.18 13.33
C ALA A 40 -25.31 -15.39 14.23
N ALA A 41 -26.52 -15.34 14.80
CA ALA A 41 -26.97 -16.23 15.91
C ALA A 41 -26.62 -17.75 15.83
N SER A 42 -27.15 -18.43 14.82
CA SER A 42 -27.17 -19.91 14.77
C SER A 42 -25.84 -20.69 14.94
N GLN A 43 -24.70 -20.10 14.60
CA GLN A 43 -23.40 -20.81 14.60
C GLN A 43 -23.44 -22.12 13.78
N ARG A 44 -24.27 -22.13 12.74
CA ARG A 44 -24.27 -23.19 11.79
C ARG A 44 -23.79 -22.68 10.42
N MET A 45 -23.38 -23.63 9.62
CA MET A 45 -23.41 -23.51 8.20
C MET A 45 -24.90 -23.50 7.80
N GLU A 46 -25.26 -22.59 6.89
CA GLU A 46 -26.61 -22.36 6.46
C GLU A 46 -26.75 -22.48 4.95
N PRO A 47 -27.80 -23.19 4.47
CA PRO A 47 -28.04 -23.18 3.03
C PRO A 47 -28.43 -21.81 2.56
N ARG A 48 -27.92 -21.46 1.39
CA ARG A 48 -28.19 -20.19 0.74
C ARG A 48 -28.95 -20.28 -0.58
N ALA A 49 -29.23 -21.50 -1.04
CA ALA A 49 -29.84 -21.76 -2.33
C ALA A 49 -30.84 -22.84 -2.05
N PRO A 50 -31.73 -23.17 -3.04
CA PRO A 50 -32.78 -24.18 -2.81
C PRO A 50 -32.36 -25.64 -3.07
N TRP A 51 -31.56 -25.86 -4.11
CA TRP A 51 -31.06 -27.20 -4.53
C TRP A 51 -30.14 -27.94 -3.52
N ILE A 52 -29.27 -27.17 -2.86
CA ILE A 52 -28.41 -27.67 -1.78
C ILE A 52 -29.16 -28.17 -0.52
N GLU A 53 -30.34 -27.61 -0.24
CA GLU A 53 -31.09 -27.90 1.00
C GLU A 53 -31.28 -29.36 1.29
N GLN A 54 -31.67 -30.13 0.27
CA GLN A 54 -31.95 -31.60 0.37
C GLN A 54 -30.95 -32.50 1.17
N GLU A 55 -29.69 -32.10 1.24
CA GLU A 55 -28.63 -32.85 1.95
C GLU A 55 -28.95 -33.04 3.45
N GLY A 56 -28.70 -34.24 3.96
CA GLY A 56 -29.15 -34.64 5.29
C GLY A 56 -28.38 -33.98 6.41
N PRO A 57 -28.80 -34.19 7.67
CA PRO A 57 -28.25 -33.37 8.74
C PRO A 57 -26.80 -33.67 9.12
N GLU A 58 -26.17 -34.74 8.60
CA GLU A 58 -24.69 -34.95 8.73
C GLU A 58 -23.86 -34.26 7.62
N TYR A 59 -24.45 -33.93 6.49
CA TYR A 59 -23.79 -33.03 5.55
C TYR A 59 -23.46 -31.77 6.32
N TRP A 60 -24.50 -31.14 6.86
CA TRP A 60 -24.38 -29.83 7.55
C TRP A 60 -23.48 -29.86 8.80
N ASP A 61 -23.64 -30.89 9.64
CA ASP A 61 -22.78 -31.14 10.81
C ASP A 61 -21.28 -31.11 10.44
N GLY A 62 -20.94 -31.90 9.42
CA GLY A 62 -19.57 -32.03 8.96
C GLY A 62 -19.11 -30.69 8.51
N GLU A 63 -19.91 -30.06 7.67
CA GLU A 63 -19.57 -28.74 7.18
C GLU A 63 -19.41 -27.72 8.29
N THR A 64 -20.28 -27.75 9.28
CA THR A 64 -20.14 -26.84 10.41
C THR A 64 -18.85 -27.04 11.22
N ARG A 65 -18.39 -28.29 11.38
CA ARG A 65 -17.20 -28.61 12.21
C ARG A 65 -16.03 -28.13 11.43
N LYS A 66 -15.99 -28.51 10.15
CA LYS A 66 -14.90 -28.10 9.29
C LYS A 66 -14.75 -26.57 9.19
N VAL A 67 -15.90 -25.90 9.17
CA VAL A 67 -15.89 -24.47 9.01
C VAL A 67 -15.42 -23.79 10.30
N LYS A 68 -15.82 -24.34 11.45
CA LYS A 68 -15.25 -23.87 12.68
C LYS A 68 -13.76 -24.10 12.82
N ALA A 69 -13.19 -25.14 12.19
CA ALA A 69 -11.74 -25.40 12.26
C ALA A 69 -11.02 -24.35 11.45
N HIS A 70 -11.44 -24.14 10.22
CA HIS A 70 -10.93 -23.04 9.45
C HIS A 70 -10.92 -21.82 10.32
N SER A 71 -11.99 -21.55 11.09
CA SER A 71 -12.05 -20.22 11.71
C SER A 71 -11.15 -20.10 12.91
N GLN A 72 -10.86 -21.23 13.57
CA GLN A 72 -9.77 -21.35 14.56
C GLN A 72 -8.37 -21.25 13.97
N THR A 73 -8.25 -21.68 12.72
CA THR A 73 -7.04 -21.57 12.03
C THR A 73 -6.79 -20.11 11.72
N HIS A 74 -7.76 -19.43 11.11
CA HIS A 74 -7.56 -17.98 10.89
C HIS A 74 -7.38 -17.21 12.22
N ARG A 75 -7.98 -17.65 13.31
CA ARG A 75 -7.82 -16.98 14.60
C ARG A 75 -6.32 -16.89 15.09
N VAL A 76 -5.69 -18.06 15.16
CA VAL A 76 -4.27 -18.20 15.34
C VAL A 76 -3.44 -17.40 14.26
N ASP A 77 -3.80 -17.52 12.97
CA ASP A 77 -3.06 -16.82 11.86
C ASP A 77 -2.87 -15.33 12.13
N LEU A 78 -3.95 -14.69 12.61
CA LEU A 78 -3.95 -13.24 12.68
C LEU A 78 -2.98 -12.83 13.68
N GLY A 79 -2.93 -13.57 14.78
CA GLY A 79 -1.94 -13.35 15.82
C GLY A 79 -0.54 -13.71 15.44
N THR A 80 -0.32 -14.84 14.79
CA THR A 80 0.97 -15.15 14.19
C THR A 80 1.47 -14.03 13.30
N LEU A 81 0.62 -13.54 12.41
CA LEU A 81 1.00 -12.52 11.44
C LEU A 81 1.41 -11.18 12.05
N ARG A 82 0.69 -10.74 13.08
CA ARG A 82 1.18 -9.72 14.03
C ARG A 82 2.65 -10.04 14.48
N GLY A 83 2.88 -11.26 14.94
CA GLY A 83 4.22 -11.76 15.24
C GLY A 83 5.14 -11.40 14.09
N TYR A 84 4.87 -11.94 12.89
CA TYR A 84 5.82 -11.86 11.75
C TYR A 84 6.20 -10.43 11.36
N TYR A 85 5.30 -9.47 11.56
CA TYR A 85 5.42 -8.16 10.96
C TYR A 85 5.61 -7.10 12.01
N ASN A 86 5.90 -7.54 13.24
CA ASN A 86 5.95 -6.71 14.47
C ASN A 86 4.99 -5.57 14.38
N GLN A 87 3.72 -5.96 14.37
CA GLN A 87 2.63 -5.04 14.31
C GLN A 87 2.01 -4.84 15.71
N SER A 88 1.54 -3.61 15.91
CA SER A 88 0.88 -3.18 17.12
C SER A 88 -0.40 -4.01 17.34
N GLU A 89 -0.76 -4.21 18.60
CA GLU A 89 -2.01 -4.91 18.94
C GLU A 89 -3.29 -4.09 18.73
N ALA A 90 -3.17 -2.79 18.42
CA ALA A 90 -4.30 -1.87 18.33
C ALA A 90 -4.72 -1.48 16.92
N GLY A 91 -4.07 -2.01 15.88
CA GLY A 91 -4.69 -2.03 14.55
C GLY A 91 -5.69 -3.19 14.40
N SER A 92 -6.55 -3.08 13.40
CA SER A 92 -7.44 -4.20 13.00
C SER A 92 -6.88 -4.78 11.74
N HIS A 93 -6.66 -6.10 11.67
CA HIS A 93 -6.15 -6.75 10.43
C HIS A 93 -7.08 -7.84 9.85
N THR A 94 -6.73 -8.31 8.65
CA THR A 94 -7.62 -9.02 7.72
C THR A 94 -6.92 -10.20 7.11
N VAL A 95 -7.49 -11.40 7.20
CA VAL A 95 -6.96 -12.58 6.45
C VAL A 95 -8.05 -13.11 5.55
N GLN A 96 -7.88 -13.05 4.22
CA GLN A 96 -8.73 -13.82 3.29
C GLN A 96 -8.08 -15.08 2.78
N ARG A 97 -8.82 -16.16 2.62
CA ARG A 97 -8.34 -17.34 1.89
C ARG A 97 -9.39 -17.75 0.85
N MET A 98 -8.95 -18.23 -0.29
CA MET A 98 -9.83 -18.57 -1.31
C MET A 98 -9.34 -19.85 -1.93
N TYR A 99 -10.25 -20.79 -2.16
CA TYR A 99 -9.87 -21.98 -2.92
C TYR A 99 -11.04 -22.64 -3.61
N GLY A 100 -10.72 -23.57 -4.47
CA GLY A 100 -11.70 -24.23 -5.27
C GLY A 100 -11.16 -24.65 -6.62
N CYS A 101 -11.99 -25.36 -7.36
CA CYS A 101 -11.61 -26.08 -8.55
C CYS A 101 -12.44 -25.68 -9.78
N ASP A 102 -11.81 -25.80 -10.95
CA ASP A 102 -12.44 -25.64 -12.28
C ASP A 102 -12.58 -27.00 -12.94
N VAL A 103 -13.72 -27.27 -13.60
CA VAL A 103 -13.85 -28.43 -14.55
C VAL A 103 -14.11 -28.02 -15.99
N GLY A 104 -13.61 -28.81 -16.94
CA GLY A 104 -14.01 -28.72 -18.35
C GLY A 104 -15.45 -29.14 -18.62
N SER A 105 -15.93 -29.00 -19.85
CA SER A 105 -17.29 -29.45 -20.25
C SER A 105 -17.51 -30.97 -20.13
N ASP A 106 -16.43 -31.73 -20.28
CA ASP A 106 -16.36 -33.17 -19.92
C ASP A 106 -16.54 -33.49 -18.43
N TRP A 107 -16.70 -32.45 -17.59
CA TRP A 107 -16.80 -32.48 -16.10
C TRP A 107 -15.49 -32.92 -15.35
N ARG A 108 -14.38 -33.20 -16.05
CA ARG A 108 -13.14 -33.65 -15.41
C ARG A 108 -12.33 -32.45 -14.83
N PHE A 109 -11.47 -32.72 -13.85
CA PHE A 109 -10.61 -31.71 -13.25
C PHE A 109 -9.82 -30.96 -14.29
N LEU A 110 -9.82 -29.62 -14.19
CA LEU A 110 -9.13 -28.72 -15.12
C LEU A 110 -8.02 -27.93 -14.42
N ARG A 111 -8.31 -27.21 -13.34
CA ARG A 111 -7.25 -26.62 -12.49
C ARG A 111 -7.70 -26.36 -11.06
N GLY A 112 -6.81 -25.83 -10.23
CA GLY A 112 -7.08 -25.63 -8.80
C GLY A 112 -6.39 -24.40 -8.28
N TYR A 113 -6.95 -23.83 -7.22
CA TYR A 113 -6.42 -22.62 -6.59
C TYR A 113 -6.38 -22.68 -5.10
N HIS A 114 -5.45 -21.91 -4.55
CA HIS A 114 -5.35 -21.74 -3.12
C HIS A 114 -4.43 -20.58 -2.80
N GLN A 115 -5.02 -19.55 -2.24
CA GLN A 115 -4.45 -18.27 -2.25
C GLN A 115 -4.79 -17.66 -0.95
N TYR A 116 -3.84 -16.91 -0.42
CA TYR A 116 -3.92 -16.40 0.96
C TYR A 116 -3.44 -14.93 0.98
N ALA A 117 -4.21 -14.07 1.64
CA ALA A 117 -3.89 -12.66 1.67
C ALA A 117 -3.95 -12.17 3.07
N TYR A 118 -3.06 -11.21 3.37
CA TYR A 118 -3.09 -10.48 4.61
C TYR A 118 -3.10 -9.00 4.28
N ASP A 119 -3.89 -8.24 5.03
CA ASP A 119 -4.13 -6.80 4.84
C ASP A 119 -4.29 -6.40 3.39
N GLY A 120 -5.18 -7.11 2.70
CA GLY A 120 -5.48 -6.86 1.29
C GLY A 120 -4.50 -7.35 0.24
N LYS A 121 -3.42 -8.01 0.62
CA LYS A 121 -2.31 -8.27 -0.26
C LYS A 121 -1.82 -9.70 -0.26
N ASP A 122 -1.47 -10.21 -1.45
CA ASP A 122 -1.05 -11.60 -1.63
C ASP A 122 0.02 -11.87 -0.62
N TYR A 123 -0.09 -12.98 0.10
CA TYR A 123 0.93 -13.40 1.04
C TYR A 123 1.60 -14.69 0.52
N ILE A 124 0.85 -15.77 0.39
CA ILE A 124 1.32 -17.00 -0.29
C ILE A 124 0.21 -17.65 -1.15
N ALA A 125 0.55 -18.21 -2.30
CA ALA A 125 -0.41 -18.94 -3.14
C ALA A 125 0.25 -20.19 -3.66
N LEU A 126 -0.49 -21.27 -3.99
CA LEU A 126 0.18 -22.33 -4.75
C LEU A 126 -0.02 -22.12 -6.19
N LYS A 127 1.00 -22.60 -6.89
CA LYS A 127 1.18 -22.44 -8.30
C LYS A 127 0.38 -23.48 -8.98
N GLU A 128 0.14 -23.32 -10.26
CA GLU A 128 -0.94 -24.10 -10.92
C GLU A 128 -0.46 -25.47 -11.39
N ASP A 129 0.39 -26.17 -10.63
CA ASP A 129 1.21 -27.30 -11.14
C ASP A 129 1.41 -28.40 -10.13
N LEU A 130 2.20 -29.44 -10.46
CA LEU A 130 2.75 -30.47 -9.48
C LEU A 130 3.56 -29.85 -8.24
N ARG A 131 2.93 -29.83 -7.10
CA ARG A 131 2.76 -28.60 -6.35
C ARG A 131 3.87 -27.84 -5.56
N SER A 132 4.02 -26.59 -5.97
CA SER A 132 4.93 -25.64 -5.34
C SER A 132 4.18 -24.36 -4.93
N TRP A 133 4.93 -23.49 -4.24
CA TRP A 133 4.39 -22.28 -3.65
C TRP A 133 5.03 -20.99 -4.22
N THR A 134 4.28 -19.88 -4.13
CA THR A 134 4.75 -18.53 -4.42
C THR A 134 4.59 -17.64 -3.20
N ALA A 135 5.70 -17.25 -2.59
CA ALA A 135 5.72 -16.43 -1.34
C ALA A 135 5.94 -14.97 -1.65
N ALA A 136 5.00 -14.11 -1.26
CA ALA A 136 5.07 -12.68 -1.60
C ALA A 136 6.25 -11.96 -0.99
N ASP A 137 6.79 -12.45 0.14
CA ASP A 137 7.94 -11.84 0.80
C ASP A 137 8.58 -12.84 1.80
N MET A 138 9.60 -12.36 2.51
CA MET A 138 10.40 -13.13 3.48
C MET A 138 9.63 -13.59 4.75
N ALA A 139 8.57 -12.89 5.11
CA ALA A 139 7.69 -13.35 6.19
C ALA A 139 6.91 -14.58 5.77
N ALA A 140 6.32 -14.54 4.59
CA ALA A 140 5.74 -15.73 3.93
C ALA A 140 6.72 -16.76 3.41
N GLN A 141 8.00 -16.40 3.21
CA GLN A 141 9.02 -17.42 2.89
C GLN A 141 9.17 -18.37 4.09
N THR A 142 8.81 -17.88 5.27
CA THR A 142 8.76 -18.68 6.48
C THR A 142 7.63 -19.69 6.46
N THR A 143 6.43 -19.26 6.12
CA THR A 143 5.31 -20.18 6.02
C THR A 143 5.56 -21.17 4.91
N LYS A 144 6.39 -20.81 3.94
CA LYS A 144 6.88 -21.81 2.99
C LYS A 144 7.63 -22.99 3.61
N HIS A 145 8.86 -22.85 4.18
CA HIS A 145 9.54 -24.07 4.76
C HIS A 145 8.62 -24.77 5.76
N LYS A 146 7.68 -24.02 6.34
CA LYS A 146 6.75 -24.57 7.29
C LYS A 146 5.80 -25.46 6.59
N TRP A 147 5.14 -24.95 5.57
CA TRP A 147 4.21 -25.76 4.77
C TRP A 147 4.85 -26.84 3.87
N GLU A 148 6.14 -26.74 3.58
CA GLU A 148 6.80 -27.75 2.80
C GLU A 148 7.09 -28.94 3.69
N ALA A 149 7.49 -28.69 4.95
CA ALA A 149 7.83 -29.76 5.88
C ALA A 149 6.58 -30.64 6.20
N ALA A 150 5.44 -29.97 6.36
CA ALA A 150 4.14 -30.61 6.52
C ALA A 150 3.51 -31.24 5.25
N HIS A 151 4.22 -31.32 4.13
CA HIS A 151 3.61 -31.74 2.88
C HIS A 151 2.26 -31.04 2.64
N VAL A 152 2.13 -29.72 2.88
CA VAL A 152 0.79 -29.08 2.69
C VAL A 152 0.24 -29.11 1.25
N ALA A 153 1.13 -28.96 0.29
CA ALA A 153 0.73 -28.96 -1.12
C ALA A 153 -0.01 -30.25 -1.48
N GLU A 154 0.64 -31.38 -1.24
CA GLU A 154 0.14 -32.71 -1.55
C GLU A 154 -1.23 -32.94 -0.94
N GLN A 155 -1.42 -32.42 0.26
CA GLN A 155 -2.73 -32.47 0.94
C GLN A 155 -3.83 -31.71 0.20
N LEU A 156 -3.51 -30.54 -0.34
CA LEU A 156 -4.47 -29.82 -1.21
C LEU A 156 -4.65 -30.41 -2.61
N ARG A 157 -3.58 -30.90 -3.23
CA ARG A 157 -3.70 -31.51 -4.50
C ARG A 157 -4.78 -32.57 -4.36
N ALA A 158 -4.58 -33.45 -3.39
CA ALA A 158 -5.53 -34.54 -3.16
C ALA A 158 -6.98 -34.08 -3.02
N TYR A 159 -7.21 -32.99 -2.30
CA TYR A 159 -8.58 -32.45 -2.14
C TYR A 159 -9.10 -31.87 -3.44
N LEU A 160 -8.26 -31.13 -4.17
CA LEU A 160 -8.70 -30.40 -5.39
C LEU A 160 -9.01 -31.33 -6.54
N GLU A 161 -8.09 -32.23 -6.84
CA GLU A 161 -8.31 -33.29 -7.80
C GLU A 161 -9.22 -34.38 -7.28
N GLY A 162 -9.43 -34.45 -5.98
CA GLY A 162 -10.28 -35.47 -5.38
C GLY A 162 -11.64 -34.89 -5.06
N THR A 163 -11.99 -34.84 -3.76
CA THR A 163 -13.36 -34.51 -3.35
C THR A 163 -13.90 -33.19 -3.86
N CYS A 164 -13.06 -32.22 -4.20
CA CYS A 164 -13.59 -30.95 -4.69
C CYS A 164 -14.42 -31.24 -5.93
N VAL A 165 -13.85 -32.06 -6.80
CA VAL A 165 -14.41 -32.29 -8.12
C VAL A 165 -15.51 -33.34 -8.04
N GLU A 166 -15.19 -34.48 -7.43
CA GLU A 166 -16.18 -35.51 -7.19
C GLU A 166 -17.45 -34.83 -6.64
N TRP A 167 -17.31 -33.91 -5.70
CA TRP A 167 -18.47 -33.18 -5.15
C TRP A 167 -19.07 -32.07 -5.98
N LEU A 168 -18.29 -31.42 -6.85
CA LEU A 168 -18.87 -30.38 -7.75
C LEU A 168 -19.99 -30.88 -8.64
N ARG A 169 -19.83 -32.07 -9.20
CA ARG A 169 -20.83 -32.67 -10.06
C ARG A 169 -22.10 -32.95 -9.31
N ARG A 170 -21.97 -33.43 -8.08
CA ARG A 170 -23.12 -33.67 -7.21
C ARG A 170 -23.98 -32.44 -7.06
N TYR A 171 -23.38 -31.26 -7.07
CA TYR A 171 -24.17 -30.05 -7.03
C TYR A 171 -24.77 -29.67 -8.44
N LEU A 172 -24.04 -29.92 -9.53
CA LEU A 172 -24.51 -29.64 -10.90
C LEU A 172 -25.66 -30.59 -11.31
N GLU A 173 -25.38 -31.86 -11.13
CA GLU A 173 -26.34 -32.90 -11.29
C GLU A 173 -27.62 -32.57 -10.53
N ASN A 174 -27.51 -32.11 -9.28
CA ASN A 174 -28.70 -31.89 -8.45
C ASN A 174 -29.35 -30.52 -8.58
N GLY A 175 -28.58 -29.48 -8.95
CA GLY A 175 -29.13 -28.12 -9.08
C GLY A 175 -29.38 -27.64 -10.50
N LYS A 176 -29.80 -28.56 -11.39
CA LYS A 176 -29.71 -28.37 -12.85
C LYS A 176 -30.45 -27.17 -13.47
N GLU A 177 -31.64 -26.89 -12.95
CA GLU A 177 -32.44 -25.81 -13.49
C GLU A 177 -32.04 -24.46 -12.98
N THR A 178 -31.21 -24.44 -11.94
CA THR A 178 -30.59 -23.24 -11.45
C THR A 178 -29.17 -23.13 -12.01
N LEU A 179 -28.45 -24.25 -12.15
CA LEU A 179 -27.01 -24.19 -12.43
C LEU A 179 -26.53 -24.45 -13.85
N GLN A 180 -27.30 -25.22 -14.63
CA GLN A 180 -26.96 -25.53 -16.04
C GLN A 180 -27.70 -24.63 -17.05
N ARG A 181 -28.52 -23.74 -16.53
CA ARG A 181 -29.19 -22.70 -17.33
C ARG A 181 -28.19 -21.69 -17.91
N THR A 182 -28.45 -21.20 -19.13
CA THR A 182 -27.77 -20.01 -19.65
C THR A 182 -28.72 -18.94 -20.30
N ASP A 183 -29.33 -18.08 -19.47
CA ASP A 183 -30.16 -16.92 -19.91
C ASP A 183 -29.40 -15.93 -20.79
N ALA A 184 -29.90 -15.68 -21.98
CA ALA A 184 -29.39 -14.59 -22.79
C ALA A 184 -29.75 -13.25 -22.13
N PRO A 185 -29.03 -12.20 -22.55
CA PRO A 185 -29.34 -10.83 -22.16
C PRO A 185 -30.55 -10.28 -22.86
N LYS A 186 -31.36 -9.52 -22.15
CA LYS A 186 -32.42 -8.69 -22.72
C LYS A 186 -31.88 -7.29 -23.01
N THR A 187 -31.34 -7.14 -24.22
CA THR A 187 -30.75 -5.87 -24.68
C THR A 187 -31.76 -4.79 -25.12
N HIS A 188 -31.36 -3.54 -24.92
N HIS A 188 -31.37 -3.53 -24.89
CA HIS A 188 -32.10 -2.36 -25.41
CA HIS A 188 -32.06 -2.37 -25.45
C HIS A 188 -31.11 -1.20 -25.36
C HIS A 188 -31.10 -1.20 -25.37
N MET A 189 -31.54 0.00 -25.75
CA MET A 189 -30.66 1.18 -25.79
C MET A 189 -31.44 2.48 -25.61
N THR A 190 -30.86 3.42 -24.83
CA THR A 190 -31.48 4.72 -24.55
C THR A 190 -30.67 5.88 -25.05
N HIS A 191 -31.39 6.99 -25.22
CA HIS A 191 -30.86 8.24 -25.72
C HIS A 191 -31.11 9.34 -24.71
N HIS A 192 -30.10 10.16 -24.42
CA HIS A 192 -30.25 11.31 -23.52
C HIS A 192 -29.55 12.57 -23.98
N ALA A 193 -30.37 13.57 -24.35
CA ALA A 193 -29.86 14.91 -24.63
C ALA A 193 -29.17 15.46 -23.38
N VAL A 194 -27.84 15.64 -23.43
CA VAL A 194 -27.08 16.19 -22.29
C VAL A 194 -26.59 17.63 -22.48
N SER A 195 -26.40 18.07 -23.72
CA SER A 195 -25.71 19.35 -23.98
C SER A 195 -26.56 20.27 -24.87
N ASP A 196 -25.92 21.13 -25.65
CA ASP A 196 -26.58 21.78 -26.79
C ASP A 196 -26.61 20.79 -28.00
N HIS A 197 -25.43 20.28 -28.36
CA HIS A 197 -25.23 19.49 -29.59
C HIS A 197 -24.29 18.28 -29.41
N GLU A 198 -24.40 17.62 -28.24
CA GLU A 198 -23.62 16.41 -27.89
C GLU A 198 -24.52 15.58 -26.96
N ALA A 199 -24.87 14.36 -27.36
CA ALA A 199 -25.87 13.52 -26.67
C ALA A 199 -25.29 12.20 -26.05
N THR A 200 -26.08 11.42 -25.31
CA THR A 200 -25.61 10.11 -24.75
C THR A 200 -26.40 8.94 -25.30
N LEU A 201 -25.69 7.82 -25.48
CA LEU A 201 -26.24 6.57 -25.98
C LEU A 201 -25.77 5.47 -25.06
N ARG A 202 -26.66 5.10 -24.14
CA ARG A 202 -26.42 4.00 -23.26
C ARG A 202 -27.00 2.77 -23.96
N CYS A 203 -26.29 1.67 -23.82
CA CYS A 203 -26.73 0.40 -24.30
C CYS A 203 -26.72 -0.63 -23.13
N TRP A 204 -27.91 -1.13 -22.84
CA TRP A 204 -28.21 -1.87 -21.62
C TRP A 204 -28.24 -3.36 -21.87
N ALA A 205 -27.73 -4.13 -20.93
CA ALA A 205 -27.94 -5.59 -20.92
C ALA A 205 -28.56 -6.04 -19.61
N LEU A 206 -29.78 -6.57 -19.69
CA LEU A 206 -30.53 -6.92 -18.51
C LEU A 206 -30.67 -8.46 -18.32
N SER A 207 -30.75 -8.88 -17.06
CA SER A 207 -31.03 -10.26 -16.67
C SER A 207 -30.43 -11.42 -17.50
N PHE A 208 -29.12 -11.62 -17.41
CA PHE A 208 -28.44 -12.73 -18.10
C PHE A 208 -27.70 -13.59 -17.10
N TYR A 209 -27.28 -14.78 -17.53
CA TYR A 209 -26.48 -15.70 -16.70
C TYR A 209 -25.90 -16.71 -17.67
N PRO A 210 -24.65 -17.13 -17.56
CA PRO A 210 -23.63 -16.68 -16.60
C PRO A 210 -23.19 -15.28 -16.84
N ALA A 211 -22.33 -14.82 -15.94
CA ALA A 211 -21.98 -13.41 -15.75
C ALA A 211 -20.96 -12.86 -16.73
N GLU A 212 -20.20 -13.74 -17.40
CA GLU A 212 -19.30 -13.29 -18.46
C GLU A 212 -20.10 -12.72 -19.63
N ILE A 213 -19.65 -11.57 -20.12
CA ILE A 213 -20.33 -10.85 -21.17
C ILE A 213 -19.42 -9.75 -21.58
N THR A 214 -19.36 -9.50 -22.89
CA THR A 214 -18.59 -8.36 -23.39
C THR A 214 -19.58 -7.33 -24.00
N LEU A 215 -19.30 -6.04 -23.85
CA LEU A 215 -20.17 -4.98 -24.39
C LEU A 215 -19.31 -3.89 -25.01
N THR A 216 -19.10 -3.94 -26.32
CA THR A 216 -18.19 -2.99 -26.97
C THR A 216 -18.98 -1.97 -27.79
N TRP A 217 -18.36 -0.81 -28.02
CA TRP A 217 -18.86 0.20 -28.96
C TRP A 217 -18.03 0.22 -30.25
N GLN A 218 -18.67 0.65 -31.35
CA GLN A 218 -18.01 0.86 -32.61
C GLN A 218 -18.55 2.06 -33.37
N ARG A 219 -17.76 3.12 -33.37
CA ARG A 219 -17.92 4.22 -34.33
C ARG A 219 -17.43 3.75 -35.70
N ASP A 220 -18.41 3.44 -36.56
CA ASP A 220 -18.20 3.11 -37.98
C ASP A 220 -17.39 1.85 -38.27
N GLY A 221 -17.48 0.84 -37.40
CA GLY A 221 -16.85 -0.45 -37.66
C GLY A 221 -15.45 -0.62 -37.12
N GLU A 222 -15.14 0.02 -35.99
CA GLU A 222 -13.94 -0.32 -35.21
C GLU A 222 -14.18 -0.18 -33.71
N ASP A 223 -13.36 -0.88 -32.91
CA ASP A 223 -13.39 -0.78 -31.44
C ASP A 223 -13.23 0.67 -30.99
N GLN A 224 -13.79 0.98 -29.83
CA GLN A 224 -13.65 2.32 -29.27
C GLN A 224 -13.73 2.23 -27.74
N THR A 225 -12.64 1.77 -27.09
CA THR A 225 -12.58 1.72 -25.61
C THR A 225 -12.43 3.13 -25.00
N GLN A 226 -11.71 4.01 -25.72
CA GLN A 226 -11.62 5.43 -25.34
C GLN A 226 -12.88 6.23 -25.77
N ASP A 227 -13.36 7.10 -24.85
CA ASP A 227 -14.58 7.97 -24.98
C ASP A 227 -15.91 7.26 -24.58
N THR A 228 -15.82 6.01 -24.15
CA THR A 228 -16.97 5.25 -23.64
C THR A 228 -17.13 5.46 -22.15
N GLU A 229 -18.08 4.74 -21.60
CA GLU A 229 -18.17 4.49 -20.18
C GLU A 229 -18.71 3.07 -20.03
N LEU A 230 -18.16 2.32 -19.09
CA LEU A 230 -18.47 0.91 -18.93
C LEU A 230 -18.52 0.71 -17.43
N VAL A 231 -19.72 0.48 -16.91
CA VAL A 231 -19.91 0.17 -15.50
C VAL A 231 -19.71 -1.35 -15.27
N GLU A 232 -18.98 -1.67 -14.21
CA GLU A 232 -18.76 -3.05 -13.76
C GLU A 232 -20.06 -3.89 -13.65
N THR A 233 -20.06 -5.11 -14.19
CA THR A 233 -21.25 -6.01 -14.19
C THR A 233 -21.75 -6.12 -12.77
N ARG A 234 -23.03 -5.82 -12.57
CA ARG A 234 -23.70 -5.95 -11.30
C ARG A 234 -24.75 -7.04 -11.24
N PRO A 235 -25.06 -7.56 -10.04
CA PRO A 235 -26.11 -8.53 -9.97
C PRO A 235 -27.40 -7.82 -9.67
N ALA A 236 -28.48 -8.42 -10.16
CA ALA A 236 -29.81 -7.83 -10.11
C ALA A 236 -30.60 -8.17 -8.85
N GLY A 237 -30.34 -9.32 -8.22
CA GLY A 237 -31.03 -9.72 -6.98
C GLY A 237 -31.80 -11.01 -7.13
N ASP A 238 -32.15 -11.31 -8.37
CA ASP A 238 -33.04 -12.41 -8.72
C ASP A 238 -32.24 -13.57 -9.38
N GLY A 239 -30.99 -13.76 -8.99
CA GLY A 239 -30.11 -14.76 -9.70
C GLY A 239 -29.42 -14.35 -11.02
N THR A 240 -29.88 -13.28 -11.68
CA THR A 240 -29.27 -12.82 -12.94
C THR A 240 -28.49 -11.52 -12.80
N PHE A 241 -27.70 -11.20 -13.80
CA PHE A 241 -26.97 -9.96 -13.76
C PHE A 241 -27.46 -8.86 -14.73
N GLN A 242 -26.97 -7.66 -14.47
CA GLN A 242 -27.19 -6.46 -15.27
C GLN A 242 -25.83 -5.89 -15.68
N LYS A 243 -25.77 -5.11 -16.76
CA LYS A 243 -24.53 -4.35 -17.15
C LYS A 243 -24.89 -3.24 -18.18
N TRP A 244 -24.07 -2.19 -18.32
CA TRP A 244 -24.23 -1.25 -19.41
C TRP A 244 -22.99 -0.48 -19.79
N ALA A 245 -22.82 -0.29 -21.11
CA ALA A 245 -21.86 0.65 -21.67
C ALA A 245 -22.60 1.80 -22.42
N ALA A 246 -22.15 3.03 -22.19
CA ALA A 246 -22.68 4.23 -22.85
C ALA A 246 -21.60 4.96 -23.63
N VAL A 247 -22.02 5.92 -24.45
CA VAL A 247 -21.08 6.76 -25.19
C VAL A 247 -21.58 8.17 -25.58
N VAL A 248 -20.78 9.19 -25.23
CA VAL A 248 -21.05 10.59 -25.62
C VAL A 248 -20.80 10.70 -27.12
N VAL A 249 -21.72 11.31 -27.87
CA VAL A 249 -21.57 11.51 -29.35
C VAL A 249 -21.99 12.92 -29.80
N PRO A 250 -21.68 13.29 -31.08
CA PRO A 250 -22.28 14.52 -31.61
C PRO A 250 -23.72 14.31 -32.08
N SER A 251 -24.56 15.32 -31.86
CA SER A 251 -25.98 15.30 -32.27
C SER A 251 -26.13 15.21 -33.80
N GLY A 252 -27.04 14.35 -34.25
CA GLY A 252 -27.16 14.02 -35.67
C GLY A 252 -26.00 13.21 -36.22
N GLN A 253 -25.41 12.32 -35.42
CA GLN A 253 -24.41 11.32 -35.88
C GLN A 253 -24.61 9.99 -35.08
N GLU A 254 -25.86 9.63 -34.81
CA GLU A 254 -26.20 8.53 -33.89
C GLU A 254 -26.17 7.17 -34.56
N GLN A 255 -26.53 7.14 -35.86
CA GLN A 255 -26.65 5.87 -36.62
C GLN A 255 -25.25 5.33 -37.00
N ARG A 256 -24.24 6.18 -36.90
CA ARG A 256 -22.82 5.79 -36.99
C ARG A 256 -22.37 4.62 -36.09
N TYR A 257 -22.99 4.54 -34.91
CA TYR A 257 -22.53 3.70 -33.80
C TYR A 257 -23.27 2.37 -33.67
N THR A 258 -22.57 1.38 -33.10
CA THR A 258 -23.11 0.02 -32.90
C THR A 258 -22.63 -0.65 -31.60
N CYS A 259 -23.58 -1.08 -30.77
CA CYS A 259 -23.28 -1.79 -29.52
C CYS A 259 -23.13 -3.28 -29.82
N HIS A 260 -21.97 -3.86 -29.51
CA HIS A 260 -21.70 -5.26 -29.80
C HIS A 260 -21.68 -6.07 -28.53
N VAL A 261 -22.45 -7.16 -28.51
CA VAL A 261 -22.56 -8.04 -27.36
C VAL A 261 -22.05 -9.43 -27.67
N GLN A 262 -21.31 -10.00 -26.72
CA GLN A 262 -20.98 -11.42 -26.77
C GLN A 262 -21.33 -12.06 -25.47
N HIS A 263 -21.84 -13.29 -25.55
CA HIS A 263 -22.34 -14.02 -24.41
C HIS A 263 -22.52 -15.49 -24.78
N GLU A 264 -22.41 -16.36 -23.77
CA GLU A 264 -22.62 -17.82 -23.89
C GLU A 264 -24.04 -18.15 -24.39
N GLY A 265 -25.03 -17.58 -23.69
CA GLY A 265 -26.43 -17.50 -24.13
C GLY A 265 -26.76 -17.15 -25.57
N LEU A 266 -25.93 -16.34 -26.22
CA LEU A 266 -26.07 -16.03 -27.65
C LEU A 266 -25.31 -17.00 -28.53
N PRO A 267 -26.06 -17.87 -29.27
CA PRO A 267 -25.48 -18.56 -30.42
C PRO A 267 -24.64 -17.65 -31.35
N LYS A 268 -25.15 -16.44 -31.64
CA LYS A 268 -24.47 -15.50 -32.55
C LYS A 268 -24.27 -14.12 -31.89
N PRO A 269 -23.10 -13.49 -32.12
CA PRO A 269 -22.84 -12.11 -31.65
C PRO A 269 -23.87 -11.05 -32.09
N LEU A 270 -24.42 -10.32 -31.13
CA LEU A 270 -25.49 -9.30 -31.38
C LEU A 270 -24.97 -7.92 -31.73
N THR A 271 -25.87 -7.04 -32.20
CA THR A 271 -25.53 -5.67 -32.58
C THR A 271 -26.73 -4.72 -32.63
N LEU A 272 -26.73 -3.64 -31.86
CA LEU A 272 -27.89 -2.71 -31.84
C LEU A 272 -27.49 -1.38 -32.41
N ARG A 273 -28.50 -0.54 -32.68
CA ARG A 273 -28.30 0.74 -33.35
C ARG A 273 -29.44 1.70 -33.00
N TRP A 274 -29.19 3.01 -32.92
CA TRP A 274 -30.27 3.94 -32.51
C TRP A 274 -31.31 4.13 -33.61
N GLU A 275 -32.18 3.13 -33.74
CA GLU A 275 -33.24 3.13 -34.76
C GLU A 275 -34.44 4.00 -34.36
N PRO A 276 -35.01 3.77 -33.14
CA PRO A 276 -36.18 4.59 -32.78
C PRO A 276 -35.90 6.11 -32.72
N MET B 1 -2.76 -1.91 5.76
CA MET B 1 -1.78 -1.01 5.10
C MET B 1 -2.48 -0.46 3.82
N ILE B 2 -2.92 -1.31 2.86
CA ILE B 2 -3.52 -0.79 1.58
C ILE B 2 -5.01 -0.56 1.62
N GLN B 3 -5.43 0.68 1.40
CA GLN B 3 -6.82 1.04 1.44
C GLN B 3 -7.37 1.18 0.02
N ARG B 4 -8.68 1.10 -0.15
CA ARG B 4 -9.30 1.09 -1.48
C ARG B 4 -10.72 1.58 -1.33
N THR B 5 -11.04 2.70 -1.95
CA THR B 5 -12.34 3.28 -1.76
C THR B 5 -13.46 2.60 -2.62
N PRO B 6 -14.69 2.59 -2.09
CA PRO B 6 -15.72 1.77 -2.72
C PRO B 6 -16.18 2.38 -4.00
N LYS B 7 -16.76 1.59 -4.88
CA LYS B 7 -17.40 2.11 -6.12
C LYS B 7 -18.85 1.86 -5.94
N ILE B 8 -19.71 2.86 -6.08
CA ILE B 8 -21.17 2.67 -5.84
C ILE B 8 -22.04 2.71 -7.10
N GLN B 9 -23.07 1.87 -7.15
CA GLN B 9 -24.13 1.86 -8.20
C GLN B 9 -25.45 1.71 -7.51
N VAL B 10 -26.42 2.54 -7.84
CA VAL B 10 -27.76 2.41 -7.31
C VAL B 10 -28.79 2.14 -8.43
N TYR B 11 -29.64 1.14 -8.27
CA TYR B 11 -30.45 0.74 -9.36
C TYR B 11 -31.51 -0.20 -8.93
N SER B 12 -32.56 -0.28 -9.71
CA SER B 12 -33.66 -1.19 -9.47
C SER B 12 -33.42 -2.57 -10.11
N ARG B 13 -33.97 -3.61 -9.46
CA ARG B 13 -33.95 -5.01 -10.01
C ARG B 13 -34.69 -5.16 -11.38
N HIS B 14 -35.80 -4.47 -11.60
CA HIS B 14 -36.46 -4.44 -12.89
C HIS B 14 -36.46 -3.03 -13.32
N PRO B 15 -36.84 -2.75 -14.58
CA PRO B 15 -37.01 -1.36 -15.00
C PRO B 15 -38.21 -0.74 -14.32
N ALA B 16 -38.11 0.54 -14.03
CA ALA B 16 -39.06 1.25 -13.18
C ALA B 16 -40.36 1.53 -13.91
N GLU B 17 -41.46 1.53 -13.16
CA GLU B 17 -42.72 2.10 -13.59
C GLU B 17 -43.38 2.63 -12.33
N ASN B 18 -43.70 3.92 -12.29
CA ASN B 18 -44.51 4.49 -11.21
C ASN B 18 -45.61 3.51 -10.77
N GLY B 19 -45.71 3.30 -9.46
CA GLY B 19 -46.78 2.50 -8.93
C GLY B 19 -46.71 0.98 -9.11
N LYS B 20 -45.66 0.38 -9.72
CA LYS B 20 -45.45 -1.11 -9.67
C LYS B 20 -44.33 -1.54 -8.66
N SER B 21 -44.28 -2.83 -8.32
CA SER B 21 -43.35 -3.33 -7.32
C SER B 21 -41.98 -3.59 -7.92
N ASN B 22 -40.95 -3.34 -7.11
CA ASN B 22 -39.58 -3.42 -7.56
C ASN B 22 -38.70 -3.41 -6.33
N PHE B 23 -37.43 -3.75 -6.53
CA PHE B 23 -36.42 -3.74 -5.46
C PHE B 23 -35.38 -2.72 -5.79
N LEU B 24 -34.93 -2.00 -4.78
CA LEU B 24 -33.94 -0.97 -4.91
C LEU B 24 -32.65 -1.52 -4.35
N ASN B 25 -31.60 -1.48 -5.15
CA ASN B 25 -30.30 -2.02 -4.81
C ASN B 25 -29.31 -0.91 -4.66
N CYS B 26 -28.35 -1.10 -3.77
CA CYS B 26 -27.11 -0.35 -3.72
C CYS B 26 -25.95 -1.37 -3.76
N TYR B 27 -25.07 -1.32 -4.76
CA TYR B 27 -24.05 -2.36 -4.99
C TYR B 27 -22.72 -1.68 -4.84
N VAL B 28 -21.93 -2.14 -3.89
CA VAL B 28 -20.71 -1.46 -3.42
C VAL B 28 -19.55 -2.41 -3.69
N SER B 29 -18.58 -2.00 -4.47
CA SER B 29 -17.57 -2.96 -4.88
C SER B 29 -16.18 -2.40 -4.70
N GLY B 30 -15.21 -3.27 -4.74
CA GLY B 30 -13.86 -2.85 -4.80
C GLY B 30 -13.25 -2.21 -3.58
N PHE B 31 -13.79 -2.43 -2.39
CA PHE B 31 -13.30 -1.70 -1.23
C PHE B 31 -12.40 -2.48 -0.30
N HIS B 32 -11.55 -1.75 0.43
CA HIS B 32 -10.72 -2.35 1.48
C HIS B 32 -10.33 -1.26 2.47
N PRO B 33 -10.40 -1.51 3.78
CA PRO B 33 -10.85 -2.76 4.41
C PRO B 33 -12.36 -2.96 4.38
N SER B 34 -12.79 -4.09 4.95
CA SER B 34 -14.17 -4.56 4.87
C SER B 34 -15.21 -3.75 5.58
N ASP B 35 -14.84 -3.04 6.65
CA ASP B 35 -15.84 -2.39 7.48
C ASP B 35 -16.47 -1.25 6.74
N ILE B 36 -17.79 -1.36 6.52
CA ILE B 36 -18.51 -0.39 5.72
C ILE B 36 -19.94 -0.13 6.22
N GLU B 37 -20.43 1.05 5.90
CA GLU B 37 -21.72 1.47 6.34
C GLU B 37 -22.52 2.02 5.17
N VAL B 38 -23.70 1.48 4.97
CA VAL B 38 -24.49 1.70 3.77
C VAL B 38 -25.97 1.81 4.10
N ASP B 39 -26.56 3.00 4.01
CA ASP B 39 -27.98 3.16 4.16
C ASP B 39 -28.67 3.39 2.84
N LEU B 40 -29.97 3.17 2.80
CA LEU B 40 -30.79 3.48 1.67
C LEU B 40 -31.78 4.50 2.18
N LEU B 41 -31.88 5.62 1.47
CA LEU B 41 -32.70 6.78 1.88
C LEU B 41 -33.88 6.92 0.98
N LYS B 42 -34.97 7.45 1.52
CA LYS B 42 -36.12 7.83 0.74
C LYS B 42 -36.50 9.23 1.26
N ASN B 43 -36.47 10.24 0.38
CA ASN B 43 -36.56 11.66 0.79
C ASN B 43 -35.67 12.02 1.95
N GLY B 44 -34.46 11.47 1.88
CA GLY B 44 -33.44 11.66 2.86
C GLY B 44 -33.78 11.18 4.27
N GLU B 45 -34.46 10.04 4.35
CA GLU B 45 -34.74 9.33 5.62
C GLU B 45 -34.29 7.90 5.47
N ARG B 46 -33.35 7.46 6.29
CA ARG B 46 -32.92 6.06 6.35
C ARG B 46 -34.14 5.14 6.29
N ILE B 47 -34.12 4.12 5.43
CA ILE B 47 -35.18 3.12 5.37
C ILE B 47 -34.72 1.97 6.25
N GLU B 48 -35.46 1.67 7.31
CA GLU B 48 -35.03 0.58 8.20
C GLU B 48 -35.00 -0.77 7.45
N LYS B 49 -36.11 -1.22 6.84
CA LYS B 49 -36.17 -2.58 6.28
C LYS B 49 -35.31 -2.79 5.03
N VAL B 50 -34.03 -3.07 5.23
CA VAL B 50 -33.07 -3.34 4.17
C VAL B 50 -32.43 -4.65 4.47
N GLU B 51 -31.93 -5.34 3.45
CA GLU B 51 -31.30 -6.65 3.58
C GLU B 51 -29.94 -6.57 2.92
N HIS B 52 -29.07 -7.55 3.12
CA HIS B 52 -27.79 -7.47 2.44
C HIS B 52 -27.20 -8.80 2.35
N SER B 53 -26.32 -8.89 1.37
CA SER B 53 -25.63 -10.12 1.05
C SER B 53 -24.39 -10.33 1.93
N ASP B 54 -24.07 -11.60 1.99
CA ASP B 54 -22.90 -12.12 2.63
C ASP B 54 -21.64 -11.57 1.89
N LEU B 55 -20.78 -10.91 2.65
CA LEU B 55 -19.55 -10.32 2.17
C LEU B 55 -18.68 -11.30 1.46
N SER B 56 -18.38 -10.97 0.21
CA SER B 56 -17.42 -11.77 -0.51
C SER B 56 -16.35 -10.94 -1.21
N PHE B 57 -15.46 -11.58 -1.97
CA PHE B 57 -14.40 -10.84 -2.61
C PHE B 57 -13.91 -11.26 -3.96
N SER B 58 -13.30 -10.32 -4.63
CA SER B 58 -13.00 -10.40 -6.01
C SER B 58 -11.63 -10.98 -6.22
N LYS B 59 -11.14 -10.86 -7.45
CA LYS B 59 -9.86 -11.46 -7.82
C LYS B 59 -8.67 -10.64 -7.25
N ASP B 60 -8.90 -9.36 -6.94
CA ASP B 60 -7.84 -8.56 -6.36
C ASP B 60 -8.03 -8.50 -4.86
N TRP B 61 -8.86 -9.38 -4.28
CA TRP B 61 -9.13 -9.42 -2.87
C TRP B 61 -10.00 -8.31 -2.28
N SER B 62 -10.46 -7.37 -3.10
CA SER B 62 -11.33 -6.30 -2.60
C SER B 62 -12.69 -6.85 -2.44
N PHE B 63 -13.48 -6.26 -1.55
CA PHE B 63 -14.81 -6.80 -1.12
C PHE B 63 -15.98 -6.28 -1.90
N TYR B 64 -17.08 -6.97 -1.91
CA TYR B 64 -18.31 -6.40 -2.49
C TYR B 64 -19.51 -6.84 -1.72
N LEU B 65 -20.48 -5.96 -1.51
CA LEU B 65 -21.82 -6.30 -0.99
C LEU B 65 -22.92 -5.80 -1.90
N LEU B 66 -24.09 -6.39 -1.77
CA LEU B 66 -25.32 -5.85 -2.33
C LEU B 66 -26.34 -5.57 -1.21
N TYR B 67 -26.93 -4.37 -1.17
CA TYR B 67 -28.05 -4.08 -0.25
C TYR B 67 -29.29 -3.88 -1.01
N TYR B 68 -30.46 -4.26 -0.48
CA TYR B 68 -31.74 -4.14 -1.22
C TYR B 68 -32.96 -4.01 -0.32
N THR B 69 -34.04 -3.51 -0.92
CA THR B 69 -35.22 -3.11 -0.19
C THR B 69 -36.45 -3.08 -1.13
N GLU B 70 -37.57 -3.69 -0.76
CA GLU B 70 -38.75 -3.72 -1.63
C GLU B 70 -39.20 -2.26 -1.76
N PHE B 71 -39.61 -1.81 -2.97
CA PHE B 71 -40.26 -0.50 -3.12
C PHE B 71 -41.17 -0.32 -4.35
N THR B 72 -41.86 0.83 -4.34
CA THR B 72 -42.75 1.31 -5.39
C THR B 72 -42.30 2.68 -5.89
N PRO B 73 -41.77 2.75 -7.12
CA PRO B 73 -41.40 4.10 -7.58
C PRO B 73 -42.60 5.00 -7.77
N THR B 74 -42.35 6.29 -7.77
CA THR B 74 -43.34 7.29 -8.06
C THR B 74 -42.60 8.52 -8.54
N GLU B 75 -43.31 9.54 -9.05
CA GLU B 75 -42.65 10.74 -9.58
C GLU B 75 -42.00 11.61 -8.47
N LYS B 76 -42.75 11.83 -7.38
CA LYS B 76 -42.34 12.73 -6.30
C LYS B 76 -41.21 12.14 -5.45
N ASP B 77 -41.31 10.84 -5.13
CA ASP B 77 -40.29 10.06 -4.40
C ASP B 77 -38.86 10.29 -4.89
N GLU B 78 -37.90 10.41 -3.97
CA GLU B 78 -36.47 10.50 -4.30
C GLU B 78 -35.66 9.54 -3.48
N TYR B 79 -34.87 8.72 -4.15
CA TYR B 79 -34.12 7.63 -3.53
C TYR B 79 -32.62 7.76 -3.71
N ALA B 80 -31.87 7.64 -2.61
CA ALA B 80 -30.41 7.61 -2.62
C ALA B 80 -29.78 6.40 -1.88
N CYS B 81 -28.47 6.32 -1.98
CA CYS B 81 -27.61 5.45 -1.18
C CYS B 81 -26.55 6.31 -0.43
N ARG B 82 -26.41 6.15 0.87
CA ARG B 82 -25.43 6.89 1.67
C ARG B 82 -24.42 5.91 2.20
N VAL B 83 -23.15 6.28 2.17
CA VAL B 83 -22.10 5.30 2.36
C VAL B 83 -20.98 5.90 3.18
N ASN B 84 -20.44 5.12 4.12
CA ASN B 84 -19.21 5.47 4.79
C ASN B 84 -18.18 4.36 4.76
N HIS B 85 -16.94 4.82 4.62
CA HIS B 85 -15.79 3.95 4.67
C HIS B 85 -14.60 4.67 5.23
N VAL B 86 -13.68 3.85 5.73
CA VAL B 86 -12.47 4.34 6.33
C VAL B 86 -11.70 5.29 5.40
N THR B 87 -11.90 5.19 4.09
CA THR B 87 -11.35 6.07 3.08
C THR B 87 -12.17 7.34 2.78
N LEU B 88 -13.31 7.58 3.43
CA LEU B 88 -14.23 8.66 2.99
C LEU B 88 -14.34 9.77 3.99
N SER B 89 -13.98 10.98 3.57
CA SER B 89 -13.97 12.14 4.48
C SER B 89 -15.33 12.28 5.18
N GLN B 90 -16.34 12.75 4.45
CA GLN B 90 -17.73 12.71 4.92
C GLN B 90 -18.37 11.50 4.27
N PRO B 91 -19.68 11.28 4.50
CA PRO B 91 -20.34 10.26 3.70
C PRO B 91 -20.48 10.63 2.20
N LYS B 92 -20.82 9.62 1.41
CA LYS B 92 -21.08 9.76 -0.03
C LYS B 92 -22.55 9.42 -0.34
N ILE B 93 -23.29 10.39 -0.86
CA ILE B 93 -24.71 10.30 -1.17
C ILE B 93 -24.76 10.09 -2.67
N VAL B 94 -25.35 9.00 -3.13
CA VAL B 94 -25.50 8.78 -4.55
C VAL B 94 -26.94 8.61 -4.89
N LYS B 95 -27.53 9.54 -5.63
CA LYS B 95 -28.97 9.41 -5.94
C LYS B 95 -29.26 8.32 -6.95
N TRP B 96 -30.49 7.88 -6.95
CA TRP B 96 -30.99 6.98 -7.99
C TRP B 96 -31.48 7.76 -9.18
N ASP B 97 -31.02 7.37 -10.38
CA ASP B 97 -31.47 7.99 -11.65
C ASP B 97 -32.21 6.88 -12.39
N ARG B 98 -33.50 7.09 -12.67
CA ARG B 98 -34.32 6.01 -13.24
C ARG B 98 -33.67 5.45 -14.49
N ASP B 99 -33.05 6.35 -15.27
CA ASP B 99 -32.25 5.93 -16.44
C ASP B 99 -30.74 5.65 -16.19
N MET B 100 -30.47 5.10 -14.99
CA MET B 100 -29.16 4.49 -14.57
C MET B 100 -29.27 3.34 -13.50
N ILE C 1 -18.25 -28.83 -0.85
CA ILE C 1 -17.54 -29.58 0.20
C ILE C 1 -16.22 -28.88 0.47
N THR C 2 -16.21 -28.25 1.63
CA THR C 2 -15.02 -27.68 2.20
C THR C 2 -14.03 -28.77 2.67
N SER C 3 -12.78 -28.35 2.73
CA SER C 3 -11.66 -29.24 2.99
C SER C 3 -11.34 -29.38 4.45
N GLY C 4 -11.45 -30.63 4.88
CA GLY C 4 -10.88 -31.08 6.13
C GLY C 4 -9.36 -31.21 6.20
N ILE C 5 -8.69 -31.02 5.07
CA ILE C 5 -7.26 -31.16 5.00
C ILE C 5 -6.69 -30.00 4.24
N GLY C 6 -5.38 -29.78 4.36
CA GLY C 6 -4.70 -28.55 3.87
C GLY C 6 -5.03 -27.56 4.94
N VAL C 7 -5.27 -26.30 4.64
CA VAL C 7 -5.85 -25.40 5.66
C VAL C 7 -5.11 -25.42 7.02
N LEU C 8 -3.85 -25.05 6.99
CA LEU C 8 -3.03 -24.98 8.16
C LEU C 8 -2.74 -23.55 8.63
N PRO C 9 -2.22 -23.42 9.86
CA PRO C 9 -1.83 -22.09 10.24
C PRO C 9 -0.52 -21.70 9.58
N VAL C 10 -0.39 -20.41 9.32
CA VAL C 10 0.81 -19.83 8.70
C VAL C 10 2.08 -19.88 9.64
N GLY D 1 25.36 26.89 16.23
CA GLY D 1 25.78 27.60 14.99
C GLY D 1 24.55 28.04 14.19
N SER D 2 24.65 27.89 12.88
CA SER D 2 23.47 27.96 12.03
C SER D 2 22.61 26.70 12.25
N HIS D 3 21.29 26.83 12.08
CA HIS D 3 20.38 25.70 12.24
C HIS D 3 19.45 25.62 11.03
N SER D 4 18.57 24.61 11.01
CA SER D 4 17.54 24.54 9.96
C SER D 4 16.38 23.60 10.27
N MET D 5 15.39 23.71 9.39
CA MET D 5 14.18 22.93 9.42
C MET D 5 13.93 22.47 8.00
N ARG D 6 13.54 21.21 7.88
CA ARG D 6 13.17 20.65 6.61
C ARG D 6 11.99 19.73 6.75
N TYR D 7 11.14 19.76 5.75
CA TYR D 7 10.08 18.80 5.65
C TYR D 7 10.29 17.99 4.40
N PHE D 8 10.09 16.69 4.51
CA PHE D 8 10.20 15.80 3.42
C PHE D 8 8.86 15.09 3.15
N PHE D 9 8.36 15.15 1.90
CA PHE D 9 7.04 14.62 1.51
C PHE D 9 7.21 13.67 0.34
N THR D 10 6.73 12.43 0.42
CA THR D 10 6.93 11.48 -0.67
C THR D 10 5.63 10.83 -0.99
N SER D 11 5.29 10.70 -2.25
CA SER D 11 4.07 10.01 -2.58
C SER D 11 4.39 8.95 -3.55
N VAL D 12 3.74 7.81 -3.48
CA VAL D 12 4.05 6.72 -4.40
C VAL D 12 2.79 6.04 -4.90
N SER D 13 2.59 6.05 -6.20
CA SER D 13 1.40 5.40 -6.81
C SER D 13 1.50 3.88 -6.78
N ARG D 14 0.34 3.23 -6.66
CA ARG D 14 0.22 1.78 -6.59
C ARG D 14 -0.85 1.34 -7.60
N PRO D 15 -0.43 1.17 -8.87
CA PRO D 15 -1.32 1.11 -10.01
C PRO D 15 -2.43 0.07 -9.90
N GLY D 16 -2.06 -1.18 -9.65
CA GLY D 16 -3.12 -2.23 -9.54
C GLY D 16 -3.89 -2.35 -8.21
N ARG D 17 -3.85 -1.34 -7.34
CA ARG D 17 -4.12 -1.58 -5.92
C ARG D 17 -4.03 -0.40 -4.94
N GLY D 18 -4.95 0.55 -5.10
CA GLY D 18 -5.19 1.53 -4.08
C GLY D 18 -4.81 2.93 -4.41
N GLU D 19 -5.02 3.80 -3.46
CA GLU D 19 -4.61 5.18 -3.58
C GLU D 19 -3.14 5.22 -3.13
N PRO D 20 -2.47 6.35 -3.31
CA PRO D 20 -1.05 6.32 -3.19
C PRO D 20 -0.49 6.55 -1.77
N ARG D 21 0.70 5.96 -1.57
CA ARG D 21 1.43 5.95 -0.31
C ARG D 21 1.89 7.32 -0.08
N PHE D 22 1.77 7.83 1.12
CA PHE D 22 2.17 9.17 1.36
C PHE D 22 2.89 9.33 2.71
N ILE D 23 4.09 9.79 2.71
CA ILE D 23 4.84 9.89 3.91
C ILE D 23 5.41 11.27 4.06
N ALA D 24 5.33 11.81 5.27
CA ALA D 24 5.89 13.10 5.58
C ALA D 24 6.73 13.05 6.86
N VAL D 25 7.78 13.87 6.92
CA VAL D 25 8.58 13.99 8.09
C VAL D 25 9.24 15.34 8.16
N GLY D 26 9.64 15.70 9.36
CA GLY D 26 10.21 17.00 9.58
C GLY D 26 11.40 16.86 10.44
N TYR D 27 12.42 17.69 10.20
CA TYR D 27 13.67 17.63 10.93
C TYR D 27 13.99 19.02 11.31
N VAL D 28 14.33 19.20 12.58
CA VAL D 28 15.12 20.36 13.03
C VAL D 28 16.57 19.92 13.16
N ASP D 29 17.42 20.46 12.31
CA ASP D 29 18.75 19.89 12.04
C ASP D 29 18.71 18.40 11.77
N ASP D 30 19.22 17.50 12.63
CA ASP D 30 19.26 16.06 12.28
C ASP D 30 18.45 15.25 13.25
N THR D 31 17.50 15.92 13.88
CA THR D 31 16.63 15.33 14.84
C THR D 31 15.28 15.30 14.16
N GLN D 32 14.69 14.13 14.01
CA GLN D 32 13.30 14.10 13.53
C GLN D 32 12.35 14.55 14.62
N PHE D 33 11.25 15.19 14.23
CA PHE D 33 10.23 15.58 15.24
C PHE D 33 8.76 15.37 14.94
N VAL D 34 8.36 15.25 13.69
CA VAL D 34 6.98 14.93 13.34
C VAL D 34 6.92 13.95 12.21
N ARG D 35 5.78 13.26 12.12
CA ARG D 35 5.55 12.36 11.01
C ARG D 35 4.15 11.96 10.74
N PHE D 36 3.85 11.96 9.46
CA PHE D 36 2.61 11.47 8.96
C PHE D 36 2.88 10.31 8.06
N ASP D 37 2.08 9.28 8.21
CA ASP D 37 2.14 8.17 7.31
C ASP D 37 0.73 7.72 6.96
N SER D 38 0.40 7.84 5.67
CA SER D 38 -0.91 7.42 5.10
C SER D 38 -1.29 6.01 5.48
N ASP D 39 -0.46 5.07 5.10
CA ASP D 39 -0.65 3.64 5.47
C ASP D 39 -0.93 3.34 6.95
N ALA D 40 -0.24 3.98 7.90
CA ALA D 40 -0.36 3.60 9.35
C ALA D 40 -1.67 4.10 9.99
N ALA D 41 -2.18 3.33 10.97
CA ALA D 41 -3.56 3.43 11.49
C ALA D 41 -4.14 4.83 11.79
N SER D 42 -3.55 5.56 12.73
CA SER D 42 -4.16 6.77 13.31
C SER D 42 -4.61 7.92 12.38
N GLN D 43 -4.03 8.04 11.19
CA GLN D 43 -4.32 9.19 10.28
C GLN D 43 -4.13 10.55 10.96
N ARG D 44 -3.22 10.60 11.90
CA ARG D 44 -2.81 11.85 12.48
C ARG D 44 -1.35 12.14 12.12
N MET D 45 -1.03 13.40 12.25
CA MET D 45 0.32 13.82 12.49
C MET D 45 0.66 13.33 13.94
N GLU D 46 1.85 12.77 14.07
CA GLU D 46 2.32 12.15 15.30
C GLU D 46 3.64 12.77 15.74
N PRO D 47 3.77 13.10 17.05
CA PRO D 47 5.07 13.56 17.50
C PRO D 47 6.09 12.44 17.43
N ARG D 48 7.30 12.82 17.06
CA ARG D 48 8.43 11.92 16.98
C ARG D 48 9.58 12.22 17.92
N ALA D 49 9.47 13.28 18.70
CA ALA D 49 10.49 13.74 19.62
C ALA D 49 9.76 14.08 20.89
N PRO D 50 10.48 14.34 22.01
CA PRO D 50 9.83 14.64 23.30
C PRO D 50 9.48 16.12 23.55
N TRP D 51 10.34 17.03 23.11
CA TRP D 51 10.15 18.51 23.24
C TRP D 51 8.94 19.11 22.49
N ILE D 52 8.71 18.61 21.27
CA ILE D 52 7.52 18.97 20.45
C ILE D 52 6.17 18.59 21.06
N GLU D 53 6.12 17.52 21.87
CA GLU D 53 4.86 16.97 22.41
C GLU D 53 3.97 18.00 23.07
N GLN D 54 4.57 18.85 23.92
CA GLN D 54 3.83 19.90 24.70
C GLN D 54 2.83 20.83 23.95
N GLU D 55 2.99 20.98 22.63
CA GLU D 55 2.04 21.75 21.79
C GLU D 55 0.59 21.24 21.83
N GLY D 56 -0.36 22.16 21.95
CA GLY D 56 -1.73 21.84 22.32
C GLY D 56 -2.49 21.18 21.19
N PRO D 57 -3.76 20.78 21.45
CA PRO D 57 -4.42 19.93 20.47
C PRO D 57 -4.85 20.63 19.17
N GLU D 58 -4.77 21.97 19.10
CA GLU D 58 -4.92 22.79 17.87
C GLU D 58 -3.66 22.82 16.98
N TYR D 59 -2.49 22.72 17.59
CA TYR D 59 -1.27 22.55 16.84
C TYR D 59 -1.46 21.34 15.94
N TRP D 60 -1.71 20.20 16.56
CA TRP D 60 -1.79 18.90 15.85
C TRP D 60 -2.92 18.82 14.81
N ASP D 61 -4.11 19.30 15.19
CA ASP D 61 -5.27 19.41 14.29
C ASP D 61 -4.89 20.15 12.97
N GLY D 62 -4.30 21.32 13.13
CA GLY D 62 -3.93 22.17 12.02
C GLY D 62 -2.95 21.42 11.19
N GLU D 63 -1.93 20.87 11.83
CA GLU D 63 -0.93 20.10 11.13
C GLU D 63 -1.50 18.92 10.39
N THR D 64 -2.41 18.20 11.01
CA THR D 64 -3.05 17.08 10.33
C THR D 64 -3.86 17.51 9.06
N ARG D 65 -4.53 18.67 9.11
CA ARG D 65 -5.39 19.13 8.00
C ARG D 65 -4.47 19.52 6.88
N LYS D 66 -3.46 20.33 7.25
CA LYS D 66 -2.48 20.79 6.27
C LYS D 66 -1.74 19.64 5.58
N VAL D 67 -1.46 18.60 6.35
CA VAL D 67 -0.71 17.49 5.83
C VAL D 67 -1.59 16.66 4.90
N LYS D 68 -2.86 16.51 5.23
CA LYS D 68 -3.79 15.90 4.30
C LYS D 68 -3.97 16.69 3.01
N ALA D 69 -3.81 18.02 3.02
CA ALA D 69 -3.95 18.83 1.80
C ALA D 69 -2.78 18.58 0.90
N HIS D 70 -1.58 18.69 1.44
CA HIS D 70 -0.41 18.27 0.73
C HIS D 70 -0.68 16.94 0.08
N SER D 71 -1.28 15.99 0.79
CA SER D 71 -1.31 14.62 0.23
C SER D 71 -2.33 14.45 -0.87
N GLN D 72 -3.38 15.26 -0.85
CA GLN D 72 -4.32 15.44 -1.96
C GLN D 72 -3.72 16.19 -3.16
N THR D 73 -2.78 17.06 -2.84
CA THR D 73 -2.08 17.75 -3.88
C THR D 73 -1.17 16.76 -4.59
N HIS D 74 -0.35 16.00 -3.85
CA HIS D 74 0.46 14.98 -4.51
C HIS D 74 -0.41 13.93 -5.24
N ARG D 75 -1.60 13.64 -4.75
CA ARG D 75 -2.48 12.67 -5.39
C ARG D 75 -2.86 13.06 -6.88
N VAL D 76 -3.40 14.27 -7.03
CA VAL D 76 -3.58 14.92 -8.30
C VAL D 76 -2.27 15.00 -9.14
N ASP D 77 -1.14 15.43 -8.52
CA ASP D 77 0.18 15.56 -9.23
C ASP D 77 0.54 14.31 -10.02
N LEU D 78 0.37 13.15 -9.38
CA LEU D 78 0.91 11.91 -9.94
C LEU D 78 0.18 11.61 -11.18
N GLY D 79 -1.14 11.83 -11.14
CA GLY D 79 -1.96 11.68 -12.30
C GLY D 79 -1.72 12.71 -13.39
N THR D 80 -1.59 13.99 -13.04
CA THR D 80 -1.16 15.01 -13.99
C THR D 80 0.14 14.62 -14.67
N LEU D 81 1.13 14.19 -13.90
CA LEU D 81 2.46 13.85 -14.44
C LEU D 81 2.49 12.69 -15.44
N ARG D 82 1.71 11.64 -15.14
CA ARG D 82 1.27 10.66 -16.17
C ARG D 82 0.78 11.37 -17.46
N GLY D 83 -0.15 12.32 -17.30
CA GLY D 83 -0.59 13.21 -18.37
C GLY D 83 0.62 13.71 -19.13
N TYR D 84 1.46 14.50 -18.44
CA TYR D 84 2.54 15.26 -19.11
C TYR D 84 3.52 14.39 -19.89
N TYR D 85 3.73 13.14 -19.49
CA TYR D 85 4.85 12.34 -19.98
C TYR D 85 4.34 11.15 -20.76
N ASN D 86 3.05 11.18 -21.15
CA ASN D 86 2.31 10.04 -21.73
C ASN D 86 2.84 8.73 -21.26
N GLN D 87 2.67 8.51 -19.96
CA GLN D 87 3.12 7.31 -19.30
C GLN D 87 1.97 6.34 -19.05
N SER D 88 2.33 5.06 -19.06
CA SER D 88 1.36 3.96 -18.90
C SER D 88 0.76 4.04 -17.50
N GLU D 89 -0.48 3.58 -17.35
CA GLU D 89 -1.12 3.50 -16.02
C GLU D 89 -0.60 2.35 -15.11
N ALA D 90 0.24 1.46 -15.65
CA ALA D 90 0.69 0.24 -14.96
C ALA D 90 2.12 0.28 -14.47
N GLY D 91 2.83 1.39 -14.65
CA GLY D 91 4.00 1.70 -13.80
C GLY D 91 3.58 2.27 -12.43
N SER D 92 4.51 2.21 -11.49
CA SER D 92 4.37 2.90 -10.20
C SER D 92 5.26 4.09 -10.25
N HIS D 93 4.74 5.30 -9.95
CA HIS D 93 5.60 6.52 -9.93
C HIS D 93 5.67 7.24 -8.57
N THR D 94 6.60 8.19 -8.46
CA THR D 94 7.10 8.74 -7.18
C THR D 94 7.22 10.25 -7.26
N VAL D 95 6.61 10.99 -6.34
CA VAL D 95 6.82 12.46 -6.25
C VAL D 95 7.38 12.83 -4.91
N GLN D 96 8.60 13.34 -4.83
CA GLN D 96 9.12 13.96 -3.59
C GLN D 96 9.06 15.47 -3.59
N ARG D 97 8.77 16.11 -2.49
CA ARG D 97 8.93 17.54 -2.31
C ARG D 97 9.73 17.81 -1.04
N MET D 98 10.53 18.85 -1.05
CA MET D 98 11.29 19.17 0.11
C MET D 98 11.28 20.65 0.29
N TYR D 99 11.04 21.13 1.49
CA TYR D 99 11.23 22.55 1.76
C TYR D 99 11.55 22.86 3.21
N GLY D 100 11.95 24.10 3.42
CA GLY D 100 12.38 24.53 4.70
C GLY D 100 13.46 25.58 4.62
N CYS D 101 13.82 26.10 5.79
CA CYS D 101 14.60 27.30 5.95
C CYS D 101 15.87 27.07 6.78
N ASP D 102 16.91 27.86 6.48
CA ASP D 102 18.16 27.97 7.25
C ASP D 102 18.20 29.29 8.00
N VAL D 103 18.67 29.28 9.26
CA VAL D 103 19.03 30.53 9.99
C VAL D 103 20.51 30.64 10.34
N GLY D 104 21.05 31.85 10.33
CA GLY D 104 22.39 32.14 10.91
C GLY D 104 22.45 32.00 12.44
N SER D 105 23.63 32.15 13.03
CA SER D 105 23.77 32.12 14.51
C SER D 105 23.03 33.25 15.26
N ASP D 106 22.86 34.39 14.56
CA ASP D 106 21.94 35.47 14.96
C ASP D 106 20.45 35.10 14.99
N TRP D 107 20.11 33.86 14.61
CA TRP D 107 18.73 33.30 14.45
C TRP D 107 17.89 33.89 13.27
N ARG D 108 18.42 34.84 12.50
CA ARG D 108 17.65 35.48 11.41
C ARG D 108 17.64 34.59 10.12
N PHE D 109 16.64 34.82 9.26
CA PHE D 109 16.52 34.08 8.00
C PHE D 109 17.79 34.19 7.18
N LEU D 110 18.27 33.06 6.68
CA LEU D 110 19.52 32.96 5.91
C LEU D 110 19.23 32.52 4.46
N ARG D 111 18.57 31.36 4.26
CA ARG D 111 18.10 30.98 2.93
C ARG D 111 16.92 30.00 2.95
N GLY D 112 16.44 29.63 1.77
CA GLY D 112 15.18 28.88 1.63
C GLY D 112 15.21 27.94 0.46
N TYR D 113 14.47 26.85 0.57
CA TYR D 113 14.40 25.82 -0.45
C TYR D 113 13.01 25.37 -0.74
N HIS D 114 12.85 24.94 -1.99
CA HIS D 114 11.62 24.30 -2.41
C HIS D 114 11.84 23.63 -3.73
N GLN D 115 11.78 22.32 -3.67
CA GLN D 115 12.31 21.51 -4.67
C GLN D 115 11.35 20.38 -4.85
N TYR D 116 11.22 19.95 -6.09
CA TYR D 116 10.23 18.97 -6.50
C TYR D 116 10.87 17.96 -7.47
N ALA D 117 10.60 16.67 -7.27
CA ALA D 117 11.17 15.64 -8.10
C ALA D 117 10.11 14.67 -8.49
N TYR D 118 10.29 14.08 -9.66
CA TYR D 118 9.44 13.03 -10.18
C TYR D 118 10.37 11.93 -10.66
N ASP D 119 9.98 10.67 -10.36
CA ASP D 119 10.78 9.46 -10.64
C ASP D 119 12.26 9.62 -10.36
N GLY D 120 12.54 10.10 -9.15
CA GLY D 120 13.88 10.36 -8.64
C GLY D 120 14.68 11.51 -9.21
N LYS D 121 14.10 12.38 -10.02
CA LYS D 121 14.81 13.41 -10.76
C LYS D 121 14.21 14.78 -10.65
N ASP D 122 15.05 15.80 -10.41
CA ASP D 122 14.66 17.20 -10.33
C ASP D 122 13.68 17.48 -11.41
N TYR D 123 12.55 18.08 -11.07
CA TYR D 123 11.53 18.47 -12.00
C TYR D 123 11.46 20.02 -12.03
N ILE D 124 11.11 20.65 -10.91
CA ILE D 124 11.20 22.12 -10.73
C ILE D 124 11.67 22.52 -9.32
N ALA D 125 12.47 23.55 -9.21
CA ALA D 125 12.94 24.07 -7.91
C ALA D 125 12.90 25.59 -7.97
N LEU D 126 12.73 26.30 -6.85
CA LEU D 126 12.95 27.74 -6.92
C LEU D 126 14.36 28.04 -6.55
N LYS D 127 14.79 29.13 -7.17
CA LYS D 127 16.11 29.62 -7.16
C LYS D 127 16.32 30.37 -5.90
N GLU D 128 17.58 30.68 -5.65
CA GLU D 128 18.05 31.15 -4.36
C GLU D 128 17.49 32.57 -4.03
N ASP D 129 17.14 33.35 -5.06
CA ASP D 129 16.55 34.70 -4.93
C ASP D 129 15.06 34.69 -4.50
N LEU D 130 14.46 33.50 -4.53
CA LEU D 130 13.05 33.21 -4.09
C LEU D 130 11.94 33.88 -4.87
N ARG D 131 12.29 34.40 -6.05
CA ARG D 131 11.37 34.98 -6.96
C ARG D 131 11.16 34.12 -8.19
N SER D 132 12.12 33.27 -8.57
CA SER D 132 12.09 32.62 -9.88
C SER D 132 12.28 31.13 -9.76
N TRP D 133 12.02 30.46 -10.86
CA TRP D 133 11.98 29.01 -10.94
C TRP D 133 13.02 28.45 -11.92
N THR D 134 13.41 27.18 -11.69
CA THR D 134 14.27 26.39 -12.57
C THR D 134 13.55 25.11 -12.95
N ALA D 135 13.16 25.01 -14.23
CA ALA D 135 12.43 23.86 -14.80
C ALA D 135 13.38 22.88 -15.46
N ALA D 136 13.36 21.62 -15.01
CA ALA D 136 14.25 20.59 -15.56
C ALA D 136 14.04 20.30 -17.03
N ASP D 137 12.83 20.51 -17.54
CA ASP D 137 12.47 20.21 -18.93
C ASP D 137 11.17 20.90 -19.34
N MET D 138 10.72 20.62 -20.57
CA MET D 138 9.52 21.21 -21.19
C MET D 138 8.18 20.82 -20.55
N ALA D 139 8.14 19.67 -19.91
CA ALA D 139 6.96 19.27 -19.15
C ALA D 139 6.82 20.13 -17.90
N ALA D 140 7.90 20.32 -17.16
CA ALA D 140 7.99 21.29 -16.07
C ALA D 140 8.02 22.74 -16.48
N GLN D 141 8.36 23.06 -17.74
CA GLN D 141 8.23 24.45 -18.23
C GLN D 141 6.74 24.85 -18.22
N THR D 142 5.88 23.84 -18.31
CA THR D 142 4.43 24.03 -18.19
C THR D 142 4.01 24.38 -16.77
N THR D 143 4.49 23.65 -15.80
CA THR D 143 4.17 23.96 -14.42
C THR D 143 4.75 25.32 -14.05
N LYS D 144 5.80 25.74 -14.75
CA LYS D 144 6.23 27.13 -14.64
C LYS D 144 5.16 28.17 -15.00
N HIS D 145 4.73 28.35 -16.26
CA HIS D 145 3.70 29.43 -16.54
C HIS D 145 2.49 29.24 -15.64
N LYS D 146 2.26 28.01 -15.19
CA LYS D 146 1.15 27.71 -14.33
C LYS D 146 1.37 28.32 -12.98
N TRP D 147 2.51 28.01 -12.38
CA TRP D 147 2.89 28.62 -11.09
C TRP D 147 3.24 30.11 -11.10
N GLU D 148 3.57 30.67 -12.26
CA GLU D 148 3.85 32.08 -12.36
C GLU D 148 2.55 32.85 -12.35
N ALA D 149 1.53 32.31 -13.02
CA ALA D 149 0.22 32.97 -13.11
C ALA D 149 -0.45 33.06 -11.73
N ALA D 150 -0.32 32.00 -10.96
CA ALA D 150 -0.75 31.93 -9.56
C ALA D 150 0.11 32.70 -8.53
N HIS D 151 1.13 33.47 -8.96
CA HIS D 151 2.08 34.07 -8.02
C HIS D 151 2.55 33.01 -6.98
N VAL D 152 2.89 31.79 -7.40
CA VAL D 152 3.29 30.77 -6.39
C VAL D 152 4.55 31.12 -5.59
N ALA D 153 5.52 31.73 -6.26
CA ALA D 153 6.76 32.11 -5.63
C ALA D 153 6.51 32.98 -4.37
N GLU D 154 5.82 34.10 -4.57
CA GLU D 154 5.54 35.08 -3.54
C GLU D 154 4.88 34.45 -2.35
N GLN D 155 4.01 33.50 -2.61
CA GLN D 155 3.35 32.71 -1.55
C GLN D 155 4.31 31.89 -0.69
N LEU D 156 5.29 31.26 -1.34
CA LEU D 156 6.35 30.58 -0.59
C LEU D 156 7.40 31.51 0.10
N ARG D 157 7.77 32.60 -0.58
CA ARG D 157 8.68 33.52 0.00
C ARG D 157 8.10 33.88 1.34
N ALA D 158 6.86 34.33 1.34
CA ALA D 158 6.18 34.76 2.57
C ALA D 158 6.24 33.72 3.67
N TYR D 159 6.02 32.46 3.35
CA TYR D 159 6.10 31.39 4.38
C TYR D 159 7.51 31.18 4.86
N LEU D 160 8.48 31.17 3.95
CA LEU D 160 9.89 30.83 4.30
C LEU D 160 10.57 31.90 5.13
N GLU D 161 10.48 33.15 4.66
CA GLU D 161 10.94 34.29 5.42
C GLU D 161 10.01 34.64 6.56
N GLY D 162 8.78 34.14 6.54
CA GLY D 162 7.82 34.41 7.60
C GLY D 162 7.77 33.23 8.55
N THR D 163 6.60 32.60 8.63
CA THR D 163 6.32 31.62 9.67
C THR D 163 7.28 30.43 9.75
N CYS D 164 7.99 30.10 8.69
CA CYS D 164 8.96 29.01 8.79
C CYS D 164 9.97 29.35 9.88
N VAL D 165 10.43 30.60 9.85
CA VAL D 165 11.51 31.05 10.69
C VAL D 165 10.97 31.42 12.06
N GLU D 166 9.95 32.27 12.06
CA GLU D 166 9.26 32.61 13.29
C GLU D 166 9.02 31.32 14.10
N TRP D 167 8.57 30.26 13.46
CA TRP D 167 8.37 28.97 14.14
C TRP D 167 9.59 28.11 14.42
N LEU D 168 10.66 28.23 13.65
CA LEU D 168 11.92 27.47 13.94
C LEU D 168 12.49 27.76 15.32
N ARG D 169 12.49 29.03 15.71
CA ARG D 169 13.01 29.45 16.97
C ARG D 169 12.21 28.88 18.12
N ARG D 170 10.89 28.86 17.96
CA ARG D 170 10.00 28.27 18.95
C ARG D 170 10.36 26.85 19.26
N TYR D 171 10.86 26.11 18.28
CA TYR D 171 11.33 24.76 18.53
C TYR D 171 12.77 24.71 19.18
N LEU D 172 13.66 25.64 18.82
CA LEU D 172 15.01 25.73 19.40
C LEU D 172 14.95 26.20 20.89
N GLU D 173 14.23 27.30 21.06
CA GLU D 173 13.92 27.82 22.35
C GLU D 173 13.35 26.73 23.25
N ASN D 174 12.44 25.90 22.75
CA ASN D 174 11.76 24.90 23.60
C ASN D 174 12.46 23.54 23.69
N GLY D 175 13.25 23.16 22.69
CA GLY D 175 13.93 21.85 22.69
C GLY D 175 15.42 21.88 23.04
N LYS D 176 15.83 22.82 23.90
CA LYS D 176 17.25 23.25 24.04
C LYS D 176 18.29 22.18 24.39
N GLU D 177 17.94 21.26 25.29
CA GLU D 177 18.92 20.24 25.70
C GLU D 177 18.96 19.07 24.75
N THR D 178 18.01 19.01 23.83
CA THR D 178 18.09 18.09 22.72
C THR D 178 18.67 18.80 21.48
N LEU D 179 18.33 20.06 21.25
CA LEU D 179 18.63 20.72 19.96
C LEU D 179 19.79 21.71 19.89
N GLN D 180 20.17 22.32 21.02
CA GLN D 180 21.34 23.23 21.08
C GLN D 180 22.61 22.53 21.61
N ARG D 181 22.48 21.23 21.90
CA ARG D 181 23.61 20.37 22.23
C ARG D 181 24.59 20.20 21.07
N THR D 182 25.89 20.13 21.37
CA THR D 182 26.89 19.63 20.41
C THR D 182 27.90 18.61 21.01
N ASP D 183 27.50 17.33 21.05
CA ASP D 183 28.34 16.17 21.47
C ASP D 183 29.58 16.01 20.61
N ALA D 184 30.74 16.04 21.24
CA ALA D 184 31.97 15.70 20.54
C ALA D 184 31.95 14.20 20.22
N PRO D 185 32.82 13.82 19.26
CA PRO D 185 33.06 12.41 18.96
C PRO D 185 33.90 11.73 20.02
N LYS D 186 33.58 10.48 20.32
CA LYS D 186 34.43 9.58 21.05
C LYS D 186 35.32 8.79 20.09
N THR D 187 36.47 9.37 19.78
CA THR D 187 37.46 8.76 18.89
C THR D 187 38.30 7.63 19.48
N HIS D 188 38.64 6.66 18.64
CA HIS D 188 39.69 5.68 18.95
C HIS D 188 40.11 5.07 17.60
N MET D 189 40.98 4.05 17.65
CA MET D 189 41.57 3.48 16.45
C MET D 189 41.87 1.98 16.60
N THR D 190 41.62 1.21 15.54
CA THR D 190 41.87 -0.24 15.54
C THR D 190 42.90 -0.61 14.50
N HIS D 191 43.53 -1.75 14.78
CA HIS D 191 44.52 -2.38 13.95
C HIS D 191 44.05 -3.78 13.60
N HIS D 192 44.14 -4.14 12.32
CA HIS D 192 43.88 -5.52 11.91
C HIS D 192 44.87 -6.06 10.92
N ALA D 193 45.70 -7.01 11.37
CA ALA D 193 46.57 -7.77 10.49
C ALA D 193 45.70 -8.50 9.46
N VAL D 194 45.77 -8.11 8.19
CA VAL D 194 44.98 -8.76 7.12
C VAL D 194 45.79 -9.67 6.19
N SER D 195 47.09 -9.43 6.08
CA SER D 195 47.96 -10.18 5.18
C SER D 195 49.15 -10.76 5.94
N ASP D 196 50.26 -11.00 5.23
CA ASP D 196 51.56 -11.23 5.87
C ASP D 196 52.18 -9.90 6.25
N HIS D 197 52.28 -8.96 5.29
CA HIS D 197 53.00 -7.69 5.47
C HIS D 197 52.25 -6.47 4.93
N GLU D 198 50.92 -6.45 5.09
CA GLU D 198 50.05 -5.33 4.67
C GLU D 198 48.84 -5.38 5.65
N ALA D 199 48.68 -4.35 6.48
CA ALA D 199 47.71 -4.35 7.62
C ALA D 199 46.59 -3.25 7.47
N THR D 200 45.59 -3.22 8.37
CA THR D 200 44.52 -2.16 8.32
C THR D 200 44.51 -1.30 9.57
N LEU D 201 44.21 -0.02 9.34
CA LEU D 201 44.10 0.98 10.41
C LEU D 201 42.80 1.73 10.20
N ARG D 202 41.80 1.30 10.96
CA ARG D 202 40.50 1.95 10.97
C ARG D 202 40.57 2.99 12.07
N CYS D 203 39.99 4.14 11.81
CA CYS D 203 39.88 5.20 12.78
C CYS D 203 38.41 5.62 12.94
N TRP D 204 37.90 5.40 14.15
CA TRP D 204 36.48 5.42 14.46
C TRP D 204 36.07 6.74 15.10
N ALA D 205 34.91 7.27 14.74
CA ALA D 205 34.27 8.31 15.53
C ALA D 205 32.86 7.86 15.96
N LEU D 206 32.68 7.83 17.27
CA LEU D 206 31.46 7.34 17.84
C LEU D 206 30.61 8.46 18.47
N SER D 207 29.28 8.29 18.41
CA SER D 207 28.31 9.14 19.11
C SER D 207 28.58 10.68 19.18
N PHE D 208 28.46 11.36 18.04
CA PHE D 208 28.60 12.81 17.97
C PHE D 208 27.35 13.46 17.40
N TYR D 209 27.23 14.77 17.54
CA TYR D 209 26.10 15.57 17.01
C TYR D 209 26.57 17.00 17.05
N PRO D 210 26.30 17.85 16.07
CA PRO D 210 25.64 17.55 14.80
C PRO D 210 26.46 16.70 13.90
N ALA D 211 25.87 16.37 12.76
CA ALA D 211 26.31 15.26 11.88
C ALA D 211 27.48 15.61 10.97
N GLU D 212 27.73 16.91 10.76
CA GLU D 212 28.90 17.34 10.00
C GLU D 212 30.18 16.95 10.72
N ILE D 213 31.14 16.42 9.99
CA ILE D 213 32.37 15.92 10.54
C ILE D 213 33.26 15.55 9.39
N THR D 214 34.55 15.87 9.50
CA THR D 214 35.53 15.44 8.49
C THR D 214 36.49 14.42 9.10
N LEU D 215 36.97 13.45 8.34
CA LEU D 215 37.88 12.41 8.84
C LEU D 215 38.92 12.12 7.78
N THR D 216 40.09 12.75 7.87
CA THR D 216 41.13 12.58 6.85
C THR D 216 42.27 11.72 7.37
N TRP D 217 43.00 11.11 6.43
CA TRP D 217 44.27 10.43 6.68
C TRP D 217 45.45 11.26 6.16
N GLN D 218 46.61 11.05 6.80
CA GLN D 218 47.86 11.65 6.38
C GLN D 218 49.06 10.74 6.57
N ARG D 219 49.57 10.22 5.46
CA ARG D 219 50.89 9.64 5.39
C ARG D 219 51.91 10.78 5.42
N ASP D 220 52.52 10.96 6.59
CA ASP D 220 53.67 11.87 6.81
C ASP D 220 53.40 13.37 6.58
N GLY D 221 52.19 13.83 6.86
CA GLY D 221 51.87 15.26 6.76
C GLY D 221 51.31 15.72 5.43
N GLU D 222 50.58 14.86 4.75
CA GLU D 222 49.84 15.20 3.54
C GLU D 222 48.54 14.40 3.41
N ASP D 223 47.62 14.92 2.60
CA ASP D 223 46.32 14.25 2.32
C ASP D 223 46.58 12.86 1.72
N GLN D 224 45.61 11.96 1.91
CA GLN D 224 45.67 10.67 1.28
C GLN D 224 44.26 10.13 0.98
N THR D 225 43.59 10.68 -0.04
CA THR D 225 42.24 10.17 -0.46
C THR D 225 42.35 8.83 -1.20
N GLN D 226 43.45 8.63 -1.93
CA GLN D 226 43.77 7.34 -2.54
C GLN D 226 44.34 6.32 -1.53
N ASP D 227 43.88 5.06 -1.62
CA ASP D 227 44.23 3.90 -0.74
C ASP D 227 43.37 3.80 0.55
N THR D 228 42.43 4.75 0.74
CA THR D 228 41.59 4.80 1.93
C THR D 228 40.32 4.00 1.75
N GLU D 229 39.48 4.06 2.77
CA GLU D 229 38.11 3.68 2.71
C GLU D 229 37.36 4.61 3.66
N LEU D 230 36.18 5.06 3.26
CA LEU D 230 35.45 6.04 4.05
C LEU D 230 34.00 5.66 3.89
N VAL D 231 33.40 5.14 4.95
CA VAL D 231 31.97 4.83 4.97
C VAL D 231 31.14 6.09 5.30
N GLU D 232 30.06 6.26 4.54
CA GLU D 232 29.04 7.27 4.78
C GLU D 232 28.57 7.38 6.26
N THR D 233 28.51 8.61 6.81
CA THR D 233 28.09 8.85 8.22
C THR D 233 26.76 8.18 8.43
N ARG D 234 26.66 7.31 9.43
CA ARG D 234 25.44 6.63 9.83
C ARG D 234 24.91 7.06 11.20
N PRO D 235 23.60 6.89 11.44
CA PRO D 235 23.11 7.23 12.76
C PRO D 235 23.14 6.00 13.62
N ALA D 236 23.32 6.24 14.91
CA ALA D 236 23.43 5.20 15.92
C ALA D 236 22.05 4.74 16.47
N GLY D 237 21.03 5.63 16.45
CA GLY D 237 19.69 5.32 16.88
C GLY D 237 19.24 6.09 18.12
N ASP D 238 20.22 6.59 18.87
CA ASP D 238 20.03 7.26 20.14
C ASP D 238 20.22 8.81 19.99
N GLY D 239 19.84 9.35 18.82
CA GLY D 239 20.12 10.75 18.47
C GLY D 239 21.54 11.15 18.03
N THR D 240 22.55 10.30 18.18
CA THR D 240 23.92 10.63 17.74
C THR D 240 24.36 9.82 16.55
N PHE D 241 25.41 10.25 15.90
CA PHE D 241 25.93 9.53 14.78
C PHE D 241 27.25 8.80 14.98
N GLN D 242 27.55 7.91 14.05
CA GLN D 242 28.78 7.12 13.97
C GLN D 242 29.43 7.39 12.59
N LYS D 243 30.74 7.20 12.47
CA LYS D 243 31.46 7.27 11.17
C LYS D 243 32.86 6.61 11.29
N TRP D 244 33.44 6.12 10.19
CA TRP D 244 34.83 5.69 10.20
C TRP D 244 35.53 5.73 8.85
N ALA D 245 36.80 6.14 8.89
CA ALA D 245 37.73 6.00 7.77
C ALA D 245 38.88 5.02 8.15
N ALA D 246 39.21 4.10 7.25
CA ALA D 246 40.32 3.14 7.41
C ALA D 246 41.36 3.32 6.32
N VAL D 247 42.51 2.65 6.51
CA VAL D 247 43.55 2.66 5.47
C VAL D 247 44.48 1.42 5.49
N VAL D 248 44.61 0.77 4.32
CA VAL D 248 45.54 -0.36 4.12
C VAL D 248 46.95 0.22 4.12
N VAL D 249 47.89 -0.35 4.88
CA VAL D 249 49.30 0.13 4.94
C VAL D 249 50.35 -1.02 4.89
N PRO D 250 51.66 -0.68 4.72
CA PRO D 250 52.68 -1.70 4.91
C PRO D 250 52.98 -1.97 6.40
N SER D 251 53.24 -3.23 6.72
CA SER D 251 53.56 -3.67 8.08
C SER D 251 54.89 -3.05 8.57
N GLY D 252 54.90 -2.58 9.82
CA GLY D 252 56.02 -1.81 10.36
C GLY D 252 56.19 -0.43 9.73
N GLN D 253 55.09 0.22 9.35
CA GLN D 253 55.08 1.64 8.91
C GLN D 253 53.78 2.34 9.40
N GLU D 254 53.33 1.97 10.61
CA GLU D 254 52.05 2.39 11.16
C GLU D 254 52.10 3.78 11.81
N GLN D 255 53.26 4.12 12.39
CA GLN D 255 53.47 5.39 13.11
C GLN D 255 53.61 6.57 12.13
N ARG D 256 53.89 6.27 10.87
CA ARG D 256 53.81 7.24 9.75
C ARG D 256 52.51 8.04 9.62
N TYR D 257 51.39 7.40 9.98
CA TYR D 257 50.04 7.87 9.64
C TYR D 257 49.34 8.58 10.77
N THR D 258 48.40 9.47 10.39
CA THR D 258 47.60 10.26 11.34
C THR D 258 46.17 10.54 10.91
N CYS D 259 45.22 10.18 11.77
CA CYS D 259 43.78 10.41 11.53
C CYS D 259 43.43 11.82 12.01
N HIS D 260 42.92 12.66 11.13
CA HIS D 260 42.59 14.03 11.46
C HIS D 260 41.09 14.21 11.49
N VAL D 261 40.58 14.75 12.60
CA VAL D 261 39.17 14.97 12.80
C VAL D 261 38.84 16.45 12.92
N GLN D 262 37.76 16.87 12.26
CA GLN D 262 37.19 18.17 12.46
C GLN D 262 35.73 18.05 12.80
N HIS D 263 35.30 18.83 13.79
CA HIS D 263 33.95 18.82 14.26
C HIS D 263 33.63 20.10 15.02
N GLU D 264 32.37 20.50 15.02
CA GLU D 264 31.84 21.68 15.76
C GLU D 264 32.11 21.54 17.28
N GLY D 265 31.69 20.39 17.82
CA GLY D 265 32.06 19.89 19.15
C GLY D 265 33.49 19.99 19.62
N LEU D 266 34.45 19.91 18.69
CA LEU D 266 35.87 20.11 19.00
C LEU D 266 36.30 21.57 18.89
N PRO D 267 36.58 22.21 20.05
CA PRO D 267 37.39 23.44 20.07
C PRO D 267 38.63 23.41 19.17
N LYS D 268 39.36 22.29 19.16
CA LYS D 268 40.58 22.14 18.34
C LYS D 268 40.52 20.90 17.43
N PRO D 269 41.02 21.03 16.19
CA PRO D 269 41.25 19.85 15.32
C PRO D 269 42.12 18.73 15.96
N LEU D 270 41.58 17.50 16.01
CA LEU D 270 42.20 16.36 16.70
C LEU D 270 43.13 15.56 15.80
N THR D 271 43.90 14.63 16.38
CA THR D 271 44.85 13.79 15.63
C THR D 271 45.26 12.53 16.36
N LEU D 272 45.01 11.36 15.81
CA LEU D 272 45.35 10.08 16.46
C LEU D 272 46.46 9.39 15.71
N ARG D 273 47.05 8.36 16.33
CA ARG D 273 48.26 7.71 15.83
C ARG D 273 48.36 6.31 16.47
N TRP D 274 48.88 5.32 15.76
CA TRP D 274 48.87 3.95 16.31
C TRP D 274 49.91 3.77 17.43
N GLU D 275 49.54 4.27 18.62
CA GLU D 275 50.40 4.21 19.82
C GLU D 275 50.37 2.82 20.47
N PRO D 276 49.17 2.27 20.77
CA PRO D 276 49.18 0.98 21.48
C PRO D 276 49.83 -0.17 20.68
N MET E 1 12.08 5.47 -13.42
CA MET E 1 12.88 5.48 -14.68
C MET E 1 14.37 5.37 -14.32
N ILE E 2 14.91 6.27 -13.46
CA ILE E 2 16.28 6.00 -12.83
C ILE E 2 16.27 5.16 -11.55
N GLN E 3 16.96 4.04 -11.58
CA GLN E 3 17.09 3.16 -10.46
C GLN E 3 18.45 3.39 -9.74
N ARG E 4 18.57 2.96 -8.51
CA ARG E 4 19.77 3.21 -7.70
C ARG E 4 19.83 2.15 -6.63
N THR E 5 20.90 1.37 -6.62
CA THR E 5 20.95 0.24 -5.72
C THR E 5 21.40 0.64 -4.28
N PRO E 6 20.90 -0.08 -3.27
CA PRO E 6 21.09 0.42 -1.91
C PRO E 6 22.51 0.25 -1.50
N LYS E 7 22.94 0.99 -0.48
CA LYS E 7 24.26 0.77 0.15
C LYS E 7 23.94 0.29 1.52
N ILE E 8 24.49 -0.85 1.95
CA ILE E 8 24.19 -1.42 3.27
C ILE E 8 25.31 -1.35 4.27
N GLN E 9 24.96 -1.06 5.54
CA GLN E 9 25.90 -1.12 6.71
C GLN E 9 25.20 -1.81 7.82
N VAL E 10 25.83 -2.80 8.43
CA VAL E 10 25.29 -3.44 9.63
C VAL E 10 26.20 -3.24 10.89
N TYR E 11 25.65 -2.83 12.00
CA TYR E 11 26.50 -2.42 13.09
C TYR E 11 25.68 -2.25 14.33
N SER E 12 26.35 -2.32 15.46
CA SER E 12 25.70 -2.14 16.75
C SER E 12 25.67 -0.67 17.18
N ARG E 13 24.64 -0.30 17.95
CA ARG E 13 24.53 1.06 18.57
C ARG E 13 25.66 1.40 19.57
N HIS E 14 26.11 0.43 20.36
CA HIS E 14 27.28 0.63 21.22
C HIS E 14 28.29 -0.35 20.77
N PRO E 15 29.53 -0.28 21.31
CA PRO E 15 30.50 -1.34 21.03
C PRO E 15 30.09 -2.62 21.72
N ALA E 16 30.39 -3.74 21.06
CA ALA E 16 29.88 -5.05 21.48
C ALA E 16 30.63 -5.55 22.72
N GLU E 17 29.92 -6.29 23.58
CA GLU E 17 30.52 -7.13 24.59
C GLU E 17 29.58 -8.31 24.75
N ASN E 18 30.10 -9.52 24.60
CA ASN E 18 29.34 -10.75 24.90
C ASN E 18 28.49 -10.54 26.17
N GLY E 19 27.22 -10.90 26.09
CA GLY E 19 26.37 -10.86 27.24
C GLY E 19 25.88 -9.50 27.74
N LYS E 20 26.22 -8.36 27.11
CA LYS E 20 25.55 -7.04 27.43
C LYS E 20 24.49 -6.62 26.38
N SER E 21 23.61 -5.68 26.76
CA SER E 21 22.51 -5.26 25.90
C SER E 21 22.97 -4.23 24.89
N ASN E 22 22.39 -4.31 23.71
CA ASN E 22 22.85 -3.53 22.59
C ASN E 22 21.77 -3.65 21.52
N PHE E 23 21.84 -2.76 20.54
CA PHE E 23 20.92 -2.72 19.44
C PHE E 23 21.67 -3.00 18.18
N LEU E 24 21.05 -3.78 17.30
CA LEU E 24 21.62 -4.16 16.05
C LEU E 24 20.91 -3.38 14.99
N ASN E 25 21.69 -2.66 14.18
CA ASN E 25 21.14 -1.79 13.14
C ASN E 25 21.48 -2.31 11.80
N CYS E 26 20.59 -2.08 10.85
CA CYS E 26 20.89 -2.19 9.41
C CYS E 26 20.48 -0.86 8.75
N TYR E 27 21.44 -0.14 8.16
CA TYR E 27 21.22 1.23 7.62
C TYR E 27 21.37 1.14 6.13
N VAL E 28 20.33 1.50 5.40
CA VAL E 28 20.27 1.31 3.96
C VAL E 28 20.11 2.68 3.33
N SER E 29 21.04 3.08 2.46
CA SER E 29 20.98 4.40 1.94
C SER E 29 21.06 4.42 0.46
N GLY E 30 20.77 5.57 -0.11
CA GLY E 30 21.06 5.77 -1.51
C GLY E 30 20.22 5.02 -2.53
N PHE E 31 19.04 4.54 -2.18
CA PHE E 31 18.30 3.71 -3.09
C PHE E 31 17.13 4.38 -3.81
N HIS E 32 16.77 3.85 -4.98
CA HIS E 32 15.58 4.27 -5.70
C HIS E 32 15.16 3.14 -6.62
N PRO E 33 13.86 2.80 -6.73
CA PRO E 33 12.75 3.41 -6.00
C PRO E 33 12.68 3.00 -4.51
N SER E 34 11.66 3.57 -3.83
CA SER E 34 11.50 3.44 -2.41
C SER E 34 11.16 2.04 -1.90
N ASP E 35 10.50 1.19 -2.73
CA ASP E 35 10.04 -0.08 -2.22
C ASP E 35 11.21 -0.99 -1.94
N ILE E 36 11.35 -1.38 -0.67
CA ILE E 36 12.46 -2.18 -0.22
C ILE E 36 12.08 -3.19 0.90
N GLU E 37 12.88 -4.23 0.99
CA GLU E 37 12.60 -5.29 1.91
C GLU E 37 13.87 -5.67 2.66
N VAL E 38 13.81 -5.64 3.99
CA VAL E 38 14.99 -5.71 4.85
C VAL E 38 14.73 -6.57 6.06
N ASP E 39 15.29 -7.76 6.16
CA ASP E 39 15.23 -8.53 7.36
C ASP E 39 16.52 -8.49 8.14
N LEU E 40 16.46 -8.84 9.42
CA LEU E 40 17.63 -9.04 10.22
C LEU E 40 17.59 -10.49 10.64
N LEU E 41 18.70 -11.20 10.41
CA LEU E 41 18.81 -12.64 10.66
C LEU E 41 19.66 -12.90 11.88
N LYS E 42 19.37 -13.98 12.58
CA LYS E 42 20.21 -14.48 13.64
C LYS E 42 20.34 -15.97 13.37
N ASN E 43 21.57 -16.45 13.14
CA ASN E 43 21.84 -17.81 12.61
C ASN E 43 20.96 -18.15 11.43
N GLY E 44 20.81 -17.17 10.56
CA GLY E 44 20.02 -17.30 9.37
C GLY E 44 18.54 -17.59 9.59
N GLU E 45 17.94 -16.99 10.63
CA GLU E 45 16.50 -17.03 10.90
C GLU E 45 16.00 -15.59 11.07
N ARG E 46 15.07 -15.18 10.22
CA ARG E 46 14.39 -13.87 10.34
C ARG E 46 14.07 -13.57 11.81
N ILE E 47 14.41 -12.38 12.31
CA ILE E 47 14.04 -11.95 13.66
C ILE E 47 12.75 -11.17 13.52
N GLU E 48 11.66 -11.63 14.13
CA GLU E 48 10.39 -10.88 13.96
C GLU E 48 10.50 -9.46 14.58
N LYS E 49 10.85 -9.33 15.86
CA LYS E 49 10.73 -8.01 16.53
C LYS E 49 11.78 -6.98 16.08
N VAL E 50 11.50 -6.31 14.98
CA VAL E 50 12.37 -5.27 14.41
C VAL E 50 11.56 -4.01 14.27
N GLU E 51 12.21 -2.85 14.27
CA GLU E 51 11.52 -1.54 14.20
C GLU E 51 12.18 -0.78 13.05
N HIS E 52 11.60 0.32 12.59
CA HIS E 52 12.25 1.05 11.53
C HIS E 52 11.79 2.43 11.50
N SER E 53 12.64 3.25 10.93
CA SER E 53 12.43 4.65 10.81
C SER E 53 11.58 5.01 9.57
N ASP E 54 10.99 6.19 9.72
CA ASP E 54 10.20 6.86 8.76
C ASP E 54 11.10 7.24 7.56
N LEU E 55 10.70 6.77 6.38
CA LEU E 55 11.43 6.97 5.11
C LEU E 55 11.69 8.40 4.82
N SER E 56 12.96 8.70 4.68
CA SER E 56 13.32 10.03 4.24
C SER E 56 14.35 10.03 3.14
N PHE E 57 14.76 11.22 2.70
CA PHE E 57 15.68 11.28 1.58
C PHE E 57 16.71 12.36 1.57
N SER E 58 17.73 12.10 0.80
CA SER E 58 18.95 12.83 0.82
C SER E 58 18.89 13.98 -0.14
N LYS E 59 20.05 14.58 -0.39
CA LYS E 59 20.14 15.75 -1.27
C LYS E 59 19.95 15.33 -2.77
N ASP E 60 20.20 14.07 -3.09
CA ASP E 60 20.05 13.61 -4.44
C ASP E 60 18.74 12.91 -4.59
N TRP E 61 17.82 13.06 -3.63
CA TRP E 61 16.50 12.40 -3.70
C TRP E 61 16.45 10.87 -3.49
N SER E 62 17.58 10.22 -3.28
CA SER E 62 17.60 8.81 -2.93
C SER E 62 17.20 8.67 -1.50
N PHE E 63 16.65 7.50 -1.15
CA PHE E 63 15.99 7.23 0.15
C PHE E 63 16.90 6.61 1.15
N TYR E 64 16.61 6.73 2.43
CA TYR E 64 17.36 5.99 3.44
C TYR E 64 16.47 5.60 4.57
N LEU E 65 16.63 4.36 5.05
CA LEU E 65 15.96 3.87 6.26
C LEU E 65 16.97 3.34 7.27
N LEU E 66 16.55 3.25 8.53
CA LEU E 66 17.28 2.53 9.56
C LEU E 66 16.39 1.45 10.15
N TYR E 67 16.86 0.20 10.24
CA TYR E 67 16.12 -0.87 10.98
C TYR E 67 16.88 -1.26 12.18
N TYR E 68 16.21 -1.62 13.28
CA TYR E 68 16.92 -2.01 14.53
C TYR E 68 16.16 -2.98 15.42
N THR E 69 16.89 -3.63 16.29
CA THR E 69 16.38 -4.71 17.10
C THR E 69 17.25 -4.88 18.39
N GLU E 70 16.63 -4.98 19.57
CA GLU E 70 17.38 -5.16 20.81
C GLU E 70 18.10 -6.51 20.70
N PHE E 71 19.36 -6.60 21.13
CA PHE E 71 20.05 -7.91 21.27
C PHE E 71 21.22 -7.96 22.25
N THR E 72 21.68 -9.20 22.47
CA THR E 72 22.81 -9.58 23.30
C THR E 72 23.85 -10.37 22.50
N PRO E 73 25.01 -9.77 22.24
CA PRO E 73 26.02 -10.55 21.55
C PRO E 73 26.50 -11.75 22.34
N THR E 74 27.06 -12.70 21.62
CA THR E 74 27.74 -13.82 22.22
C THR E 74 28.72 -14.32 21.18
N GLU E 75 29.61 -15.25 21.55
CA GLU E 75 30.62 -15.75 20.60
C GLU E 75 30.02 -16.59 19.44
N LYS E 76 29.13 -17.51 19.79
CA LYS E 76 28.56 -18.49 18.87
C LYS E 76 27.54 -17.85 17.90
N ASP E 77 26.69 -16.95 18.42
CA ASP E 77 25.74 -16.13 17.66
C ASP E 77 26.31 -15.53 16.37
N GLU E 78 25.52 -15.55 15.29
CA GLU E 78 25.91 -14.89 14.03
C GLU E 78 24.78 -14.07 13.47
N TYR E 79 25.06 -12.80 13.20
CA TYR E 79 24.05 -11.84 12.78
C TYR E 79 24.29 -11.25 11.38
N ALA E 80 23.27 -11.23 10.55
CA ALA E 80 23.32 -10.56 9.21
C ALA E 80 22.13 -9.61 8.94
N CYS E 81 22.19 -8.95 7.81
CA CYS E 81 21.08 -8.20 7.20
C CYS E 81 20.78 -8.73 5.77
N ARG E 82 19.52 -9.05 5.47
CA ARG E 82 19.12 -9.57 4.15
C ARG E 82 18.22 -8.54 3.50
N VAL E 83 18.40 -8.30 2.22
CA VAL E 83 17.84 -7.11 1.58
C VAL E 83 17.35 -7.46 0.20
N ASN E 84 16.17 -6.94 -0.17
CA ASN E 84 15.72 -6.95 -1.55
C ASN E 84 15.33 -5.60 -2.08
N HIS E 85 15.71 -5.40 -3.34
CA HIS E 85 15.33 -4.23 -4.08
C HIS E 85 15.16 -4.55 -5.55
N VAL E 86 14.41 -3.67 -6.19
CA VAL E 86 14.09 -3.79 -7.58
C VAL E 86 15.36 -3.89 -8.45
N THR E 87 16.49 -3.40 -7.95
CA THR E 87 17.81 -3.51 -8.58
C THR E 87 18.60 -4.79 -8.23
N LEU E 88 18.06 -5.72 -7.42
CA LEU E 88 18.88 -6.83 -6.91
C LEU E 88 18.44 -8.16 -7.45
N SER E 89 19.38 -8.84 -8.10
CA SER E 89 19.09 -10.14 -8.71
C SER E 89 18.46 -11.08 -7.69
N GLN E 90 19.27 -11.62 -6.78
CA GLN E 90 18.76 -12.38 -5.63
C GLN E 90 18.81 -11.43 -4.44
N PRO E 91 18.49 -11.90 -3.23
CA PRO E 91 18.75 -11.01 -2.09
C PRO E 91 20.27 -10.77 -1.85
N LYS E 92 20.54 -9.77 -1.00
CA LYS E 92 21.90 -9.42 -0.57
C LYS E 92 22.03 -9.60 0.97
N ILE E 93 22.93 -10.49 1.37
CA ILE E 93 23.16 -10.92 2.73
C ILE E 93 24.45 -10.19 3.14
N VAL E 94 24.38 -9.36 4.17
CA VAL E 94 25.59 -8.70 4.65
C VAL E 94 25.80 -9.02 6.09
N LYS E 95 26.86 -9.75 6.43
CA LYS E 95 27.06 -10.15 7.85
C LYS E 95 27.51 -9.02 8.73
N TRP E 96 27.30 -9.19 10.00
CA TRP E 96 27.86 -8.28 11.01
C TRP E 96 29.26 -8.69 11.42
N ASP E 97 30.19 -7.74 11.39
CA ASP E 97 31.60 -7.98 11.82
C ASP E 97 31.79 -7.06 13.04
N ARG E 98 32.08 -7.64 14.21
CA ARG E 98 32.10 -6.85 15.44
C ARG E 98 33.00 -5.64 15.30
N ASP E 99 34.11 -5.84 14.58
CA ASP E 99 35.07 -4.77 14.25
C ASP E 99 34.73 -3.93 12.96
N MET E 100 33.43 -3.88 12.60
CA MET E 100 32.84 -3.03 11.51
C MET E 100 31.35 -2.57 11.72
N ILE F 1 6.42 24.03 11.56
CA ILE F 1 5.10 24.44 11.07
C ILE F 1 5.14 24.23 9.57
N THR F 2 4.36 23.25 9.14
CA THR F 2 4.12 23.02 7.74
C THR F 2 3.28 24.16 7.13
N SER F 3 3.24 24.18 5.81
CA SER F 3 2.79 25.35 5.09
C SER F 3 1.38 25.16 4.59
N GLY F 4 0.53 26.09 5.03
CA GLY F 4 -0.82 26.23 4.52
C GLY F 4 -0.89 26.86 3.14
N ILE F 5 0.18 27.53 2.73
CA ILE F 5 0.20 28.25 1.47
C ILE F 5 1.38 27.78 0.67
N GLY F 6 1.41 28.15 -0.62
CA GLY F 6 2.28 27.49 -1.62
C GLY F 6 1.68 26.14 -1.90
N VAL F 7 2.45 25.16 -2.31
CA VAL F 7 1.95 23.78 -2.38
C VAL F 7 0.69 23.58 -3.21
N LEU F 8 0.89 23.86 -4.48
CA LEU F 8 -0.07 23.64 -5.49
C LEU F 8 0.22 22.39 -6.34
N PRO F 9 -0.83 21.89 -7.00
CA PRO F 9 -0.58 20.84 -7.92
C PRO F 9 0.13 21.35 -9.18
N VAL F 10 0.98 20.50 -9.73
CA VAL F 10 1.86 20.82 -10.87
C VAL F 10 1.11 20.90 -12.21
#